data_2MV6
#
_entry.id   2MV6
#
_cell.length_a   1.000
_cell.length_b   1.000
_cell.length_c   1.000
_cell.angle_alpha   90.00
_cell.angle_beta   90.00
_cell.angle_gamma   90.00
#
_symmetry.space_group_name_H-M   'P 1'
#
_entity_poly.entity_id   1
_entity_poly.type   'polypeptide(L)'
_entity_poly.pdbx_seq_one_letter_code
;MSEPVSLLTPSDLDPLILTLSLILVVILVLLTVLALLSHRRALKQKIWP
;
_entity_poly.pdbx_strand_id   A
#
# COMPACT_ATOMS: atom_id res chain seq x y z
N MET A 1 0.47 9.09 -21.54
CA MET A 1 1.36 8.54 -22.60
C MET A 1 2.68 9.30 -22.61
N SER A 2 2.89 10.12 -21.58
CA SER A 2 4.12 10.90 -21.48
C SER A 2 4.35 11.34 -20.03
N GLU A 3 3.70 10.66 -19.10
CA GLU A 3 3.84 11.00 -17.69
C GLU A 3 3.57 12.48 -17.46
N PRO A 4 2.42 12.95 -17.90
CA PRO A 4 2.03 14.37 -17.74
C PRO A 4 1.80 14.76 -16.28
N VAL A 5 1.68 13.75 -15.43
CA VAL A 5 1.47 14.00 -14.00
C VAL A 5 2.68 14.68 -13.40
N SER A 6 3.84 14.51 -14.04
CA SER A 6 5.07 15.12 -13.55
C SER A 6 4.99 16.64 -13.62
N LEU A 7 3.89 17.15 -14.18
CA LEU A 7 3.70 18.58 -14.29
C LEU A 7 2.89 19.13 -13.13
N LEU A 8 2.14 18.25 -12.47
CA LEU A 8 1.32 18.64 -11.33
C LEU A 8 0.38 19.78 -11.72
N THR A 9 -0.87 19.44 -11.96
CA THR A 9 -1.86 20.45 -12.34
C THR A 9 -3.24 20.08 -11.80
N PRO A 10 -4.13 21.04 -11.72
CA PRO A 10 -5.52 20.81 -11.21
C PRO A 10 -6.35 19.98 -12.18
N SER A 11 -5.96 20.00 -13.45
CA SER A 11 -6.69 19.24 -14.48
C SER A 11 -6.70 17.76 -14.14
N ASP A 12 -5.95 17.38 -13.10
CA ASP A 12 -5.89 15.99 -12.69
C ASP A 12 -6.03 15.88 -11.17
N LEU A 13 -5.34 16.74 -10.45
CA LEU A 13 -5.39 16.74 -8.99
C LEU A 13 -6.85 16.82 -8.52
N ASP A 14 -7.50 15.66 -8.44
CA ASP A 14 -8.89 15.62 -8.00
C ASP A 14 -9.03 14.80 -6.73
N PRO A 15 -10.08 15.02 -5.98
CA PRO A 15 -10.34 14.29 -4.71
C PRO A 15 -10.54 12.80 -4.94
N LEU A 16 -11.11 12.45 -6.10
CA LEU A 16 -11.36 11.05 -6.42
C LEU A 16 -10.05 10.28 -6.55
N ILE A 17 -9.13 10.83 -7.33
CA ILE A 17 -7.82 10.19 -7.52
C ILE A 17 -7.06 10.12 -6.21
N LEU A 18 -7.21 11.16 -5.38
CA LEU A 18 -6.54 11.21 -4.09
C LEU A 18 -7.01 10.06 -3.20
N THR A 19 -8.32 9.93 -3.07
CA THR A 19 -8.90 8.88 -2.24
C THR A 19 -8.50 7.50 -2.76
N LEU A 20 -8.42 7.39 -4.08
CA LEU A 20 -8.05 6.12 -4.71
C LEU A 20 -6.66 5.69 -4.27
N SER A 21 -5.71 6.62 -4.37
CA SER A 21 -4.33 6.33 -3.98
C SER A 21 -4.26 5.94 -2.50
N LEU A 22 -5.01 6.66 -1.67
CA LEU A 22 -5.03 6.37 -0.24
C LEU A 22 -5.42 4.92 0.01
N ILE A 23 -6.52 4.49 -0.61
CA ILE A 23 -6.99 3.12 -0.44
C ILE A 23 -5.93 2.13 -0.92
N LEU A 24 -5.29 2.46 -2.04
CA LEU A 24 -4.26 1.57 -2.59
C LEU A 24 -3.12 1.41 -1.59
N VAL A 25 -2.67 2.51 -1.02
CA VAL A 25 -1.58 2.48 -0.04
C VAL A 25 -1.96 1.61 1.15
N VAL A 26 -3.20 1.75 1.61
CA VAL A 26 -3.67 0.98 2.75
C VAL A 26 -3.63 -0.51 2.44
N ILE A 27 -4.03 -0.88 1.24
CA ILE A 27 -4.04 -2.27 0.83
C ILE A 27 -2.61 -2.81 0.76
N LEU A 28 -1.71 -2.01 0.22
CA LEU A 28 -0.31 -2.42 0.10
C LEU A 28 0.28 -2.72 1.47
N VAL A 29 -0.12 -1.95 2.47
CA VAL A 29 0.36 -2.14 3.82
C VAL A 29 -0.25 -3.38 4.45
N LEU A 30 -1.53 -3.63 4.13
CA LEU A 30 -2.23 -4.78 4.66
C LEU A 30 -1.63 -6.07 4.11
N LEU A 31 -1.35 -6.08 2.81
CA LEU A 31 -0.78 -7.26 2.17
C LEU A 31 0.57 -7.61 2.79
N THR A 32 1.40 -6.60 3.01
CA THR A 32 2.71 -6.81 3.61
C THR A 32 2.57 -7.39 5.01
N VAL A 33 1.73 -6.77 5.83
CA VAL A 33 1.51 -7.23 7.19
C VAL A 33 1.07 -8.69 7.20
N LEU A 34 0.19 -9.04 6.28
CA LEU A 34 -0.31 -10.41 6.20
C LEU A 34 0.82 -11.35 5.78
N ALA A 35 1.71 -10.86 4.92
CA ALA A 35 2.83 -11.68 4.46
C ALA A 35 3.77 -12.01 5.61
N LEU A 36 4.10 -11.00 6.40
CA LEU A 36 5.00 -11.19 7.54
C LEU A 36 4.37 -12.16 8.55
N LEU A 37 3.06 -12.05 8.71
CA LEU A 37 2.35 -12.92 9.65
C LEU A 37 2.43 -14.38 9.20
N SER A 38 2.23 -14.61 7.91
CA SER A 38 2.28 -15.96 7.36
C SER A 38 3.66 -16.57 7.58
N HIS A 39 4.70 -15.80 7.28
CA HIS A 39 6.07 -16.28 7.44
C HIS A 39 6.33 -16.65 8.90
N ARG A 40 5.98 -15.75 9.81
CA ARG A 40 6.19 -15.99 11.23
C ARG A 40 5.45 -17.25 11.68
N ARG A 41 4.21 -17.40 11.20
CA ARG A 41 3.42 -18.57 11.54
C ARG A 41 4.10 -19.86 11.08
N ALA A 42 4.66 -19.81 9.88
CA ALA A 42 5.34 -20.97 9.33
C ALA A 42 6.52 -21.37 10.20
N LEU A 43 7.33 -20.39 10.58
CA LEU A 43 8.50 -20.64 11.42
C LEU A 43 8.08 -21.34 12.71
N LYS A 44 6.95 -20.93 13.26
CA LYS A 44 6.45 -21.52 14.51
C LYS A 44 5.95 -22.94 14.25
N GLN A 45 5.22 -23.12 13.16
CA GLN A 45 4.68 -24.43 12.82
C GLN A 45 5.82 -25.43 12.63
N LYS A 46 6.91 -24.98 12.04
CA LYS A 46 8.06 -25.85 11.81
C LYS A 46 8.65 -26.31 13.14
N ILE A 47 8.95 -25.35 14.01
CA ILE A 47 9.51 -25.67 15.32
C ILE A 47 8.44 -26.13 16.28
N TRP A 48 7.20 -26.21 15.80
CA TRP A 48 6.09 -26.63 16.62
C TRP A 48 5.02 -27.32 15.78
N PRO A 49 5.32 -28.51 15.31
CA PRO A 49 4.38 -29.30 14.47
C PRO A 49 2.98 -29.39 15.10
N MET A 1 11.08 11.03 -23.51
CA MET A 1 10.22 9.92 -23.00
C MET A 1 10.20 9.93 -21.48
N SER A 2 11.39 9.75 -20.89
CA SER A 2 11.50 9.74 -19.43
C SER A 2 11.47 11.16 -18.88
N GLU A 3 10.36 11.53 -18.26
CA GLU A 3 10.22 12.87 -17.69
C GLU A 3 9.61 12.80 -16.29
N PRO A 4 10.22 12.04 -15.42
CA PRO A 4 9.74 11.88 -14.02
C PRO A 4 9.93 13.15 -13.20
N VAL A 5 10.15 14.27 -13.88
CA VAL A 5 10.34 15.55 -13.20
C VAL A 5 9.22 16.52 -13.57
N SER A 6 8.47 16.19 -14.61
CA SER A 6 7.37 17.04 -15.05
C SER A 6 6.05 16.53 -14.49
N LEU A 7 5.89 16.62 -13.18
CA LEU A 7 4.67 16.16 -12.52
C LEU A 7 3.46 16.94 -13.05
N LEU A 8 2.27 16.37 -12.85
CA LEU A 8 1.05 17.03 -13.30
C LEU A 8 0.62 18.11 -12.30
N THR A 9 -0.36 18.91 -12.70
CA THR A 9 -0.86 19.98 -11.84
C THR A 9 -2.24 19.64 -11.31
N PRO A 10 -2.68 20.34 -10.31
CA PRO A 10 -4.03 20.11 -9.68
C PRO A 10 -5.11 19.91 -10.73
N SER A 11 -4.94 20.54 -11.89
CA SER A 11 -5.92 20.42 -12.97
C SER A 11 -6.37 18.97 -13.11
N ASP A 12 -5.44 18.05 -12.95
CA ASP A 12 -5.75 16.62 -13.08
C ASP A 12 -5.77 15.95 -11.72
N LEU A 13 -4.77 16.26 -10.90
CA LEU A 13 -4.67 15.68 -9.56
C LEU A 13 -5.79 16.22 -8.67
N ASP A 14 -6.97 15.61 -8.76
CA ASP A 14 -8.09 16.04 -7.96
C ASP A 14 -8.34 15.07 -6.81
N PRO A 15 -9.07 15.50 -5.81
CA PRO A 15 -9.38 14.66 -4.63
C PRO A 15 -9.72 13.22 -5.02
N LEU A 16 -10.36 13.06 -6.16
CA LEU A 16 -10.75 11.73 -6.63
C LEU A 16 -9.54 10.80 -6.67
N ILE A 17 -8.50 11.25 -7.36
CA ILE A 17 -7.28 10.44 -7.47
C ILE A 17 -6.56 10.37 -6.13
N LEU A 18 -6.64 11.44 -5.35
CA LEU A 18 -6.00 11.48 -4.04
C LEU A 18 -6.51 10.34 -3.17
N THR A 19 -7.82 10.21 -3.07
CA THR A 19 -8.42 9.16 -2.26
C THR A 19 -8.10 7.79 -2.83
N LEU A 20 -8.26 7.65 -4.14
CA LEU A 20 -7.99 6.38 -4.81
C LEU A 20 -6.61 5.85 -4.41
N SER A 21 -5.62 6.74 -4.40
CA SER A 21 -4.27 6.35 -4.03
C SER A 21 -4.22 5.89 -2.58
N LEU A 22 -4.88 6.63 -1.70
CA LEU A 22 -4.91 6.28 -0.28
C LEU A 22 -5.41 4.85 -0.09
N ILE A 23 -6.54 4.54 -0.71
CA ILE A 23 -7.11 3.20 -0.61
C ILE A 23 -6.12 2.16 -1.13
N LEU A 24 -5.40 2.51 -2.18
CA LEU A 24 -4.42 1.58 -2.76
C LEU A 24 -3.30 1.29 -1.76
N VAL A 25 -2.80 2.33 -1.11
CA VAL A 25 -1.74 2.17 -0.12
C VAL A 25 -2.23 1.36 1.06
N VAL A 26 -3.47 1.62 1.48
CA VAL A 26 -4.05 0.91 2.61
C VAL A 26 -4.03 -0.59 2.38
N ILE A 27 -4.48 -1.01 1.20
CA ILE A 27 -4.51 -2.43 0.86
C ILE A 27 -3.11 -3.00 0.88
N LEU A 28 -2.16 -2.28 0.30
CA LEU A 28 -0.78 -2.73 0.26
C LEU A 28 -0.25 -2.99 1.67
N VAL A 29 -0.54 -2.06 2.57
CA VAL A 29 -0.10 -2.20 3.96
C VAL A 29 -0.61 -3.51 4.55
N LEU A 30 -1.88 -3.79 4.35
CA LEU A 30 -2.48 -5.01 4.89
C LEU A 30 -1.85 -6.23 4.22
N LEU A 31 -1.50 -6.11 2.95
CA LEU A 31 -0.90 -7.21 2.22
C LEU A 31 0.41 -7.64 2.88
N THR A 32 1.30 -6.67 3.10
CA THR A 32 2.58 -6.96 3.73
C THR A 32 2.38 -7.52 5.14
N VAL A 33 1.50 -6.87 5.91
CA VAL A 33 1.22 -7.31 7.27
C VAL A 33 0.80 -8.78 7.27
N LEU A 34 -0.09 -9.14 6.36
CA LEU A 34 -0.58 -10.51 6.27
C LEU A 34 0.55 -11.43 5.84
N ALA A 35 1.39 -10.97 4.92
CA ALA A 35 2.51 -11.76 4.43
C ALA A 35 3.45 -12.12 5.58
N LEU A 36 3.76 -11.14 6.41
CA LEU A 36 4.64 -11.36 7.55
C LEU A 36 4.03 -12.35 8.53
N LEU A 37 2.73 -12.20 8.78
CA LEU A 37 2.04 -13.10 9.70
C LEU A 37 2.16 -14.54 9.22
N SER A 38 2.02 -14.74 7.92
CA SER A 38 2.11 -16.08 7.34
C SER A 38 3.49 -16.69 7.59
N HIS A 39 4.53 -15.91 7.31
CA HIS A 39 5.89 -16.38 7.51
C HIS A 39 6.12 -16.74 8.97
N ARG A 40 5.57 -15.93 9.87
CA ARG A 40 5.72 -16.18 11.30
C ARG A 40 5.08 -17.50 11.69
N ARG A 41 3.87 -17.72 11.21
CA ARG A 41 3.15 -18.96 11.51
C ARG A 41 3.90 -20.17 11.00
N ALA A 42 4.45 -20.04 9.79
CA ALA A 42 5.21 -21.14 9.19
C ALA A 42 6.47 -21.43 10.00
N LEU A 43 7.22 -20.38 10.31
CA LEU A 43 8.45 -20.53 11.08
C LEU A 43 8.16 -21.21 12.41
N LYS A 44 7.00 -20.91 12.99
CA LYS A 44 6.61 -21.49 14.26
C LYS A 44 6.32 -22.98 14.11
N GLN A 45 5.51 -23.32 13.11
CA GLN A 45 5.16 -24.71 12.87
C GLN A 45 6.41 -25.55 12.66
N LYS A 46 7.48 -24.91 12.19
CA LYS A 46 8.74 -25.61 11.95
C LYS A 46 9.45 -25.89 13.27
N ILE A 47 9.60 -24.86 14.09
CA ILE A 47 10.28 -25.02 15.37
C ILE A 47 9.30 -25.53 16.43
N TRP A 48 8.08 -25.81 16.01
CA TRP A 48 7.06 -26.31 16.92
C TRP A 48 5.97 -27.06 16.15
N PRO A 49 6.31 -28.16 15.55
CA PRO A 49 5.35 -28.99 14.77
C PRO A 49 4.04 -29.22 15.53
N MET A 1 -0.31 5.52 -15.22
CA MET A 1 0.54 4.34 -15.54
C MET A 1 1.31 4.58 -16.83
N SER A 2 2.61 4.79 -16.70
CA SER A 2 3.45 5.04 -17.87
C SER A 2 2.86 6.15 -18.73
N GLU A 3 3.51 6.43 -19.85
CA GLU A 3 3.03 7.47 -20.76
C GLU A 3 2.84 8.78 -20.01
N PRO A 4 3.88 9.26 -19.38
CA PRO A 4 3.83 10.54 -18.60
C PRO A 4 3.66 11.75 -19.50
N VAL A 5 3.80 11.54 -20.81
CA VAL A 5 3.66 12.63 -21.77
C VAL A 5 2.25 12.68 -22.32
N SER A 6 1.54 11.55 -22.23
CA SER A 6 0.17 11.48 -22.73
C SER A 6 -0.82 11.68 -21.59
N LEU A 7 -0.46 11.24 -20.40
CA LEU A 7 -1.32 11.39 -19.23
C LEU A 7 -0.86 12.55 -18.36
N LEU A 8 -1.44 12.65 -17.16
CA LEU A 8 -1.08 13.70 -16.23
C LEU A 8 -1.46 15.07 -16.80
N THR A 9 -2.74 15.41 -16.67
CA THR A 9 -3.23 16.69 -17.17
C THR A 9 -4.12 17.37 -16.14
N PRO A 10 -4.33 18.66 -16.28
CA PRO A 10 -5.18 19.45 -15.34
C PRO A 10 -6.65 19.07 -15.45
N SER A 11 -7.11 18.83 -16.67
CA SER A 11 -8.50 18.46 -16.90
C SER A 11 -8.79 17.08 -16.35
N ASP A 12 -7.77 16.46 -15.74
CA ASP A 12 -7.92 15.13 -15.17
C ASP A 12 -7.48 15.12 -13.71
N LEU A 13 -6.48 15.91 -13.40
CA LEU A 13 -5.97 15.99 -12.03
C LEU A 13 -7.09 16.38 -11.08
N ASP A 14 -7.75 15.37 -10.51
CA ASP A 14 -8.83 15.62 -9.57
C ASP A 14 -8.56 14.94 -8.24
N PRO A 15 -9.18 15.41 -7.18
CA PRO A 15 -9.01 14.84 -5.81
C PRO A 15 -9.38 13.36 -5.75
N LEU A 16 -10.10 12.90 -6.77
CA LEU A 16 -10.52 11.50 -6.82
C LEU A 16 -9.31 10.59 -6.96
N ILE A 17 -8.31 11.06 -7.69
CA ILE A 17 -7.09 10.28 -7.89
C ILE A 17 -6.34 10.11 -6.58
N LEU A 18 -6.21 11.20 -5.83
CA LEU A 18 -5.51 11.16 -4.55
C LEU A 18 -6.19 10.18 -3.60
N THR A 19 -7.52 10.18 -3.60
CA THR A 19 -8.27 9.28 -2.74
C THR A 19 -8.03 7.83 -3.14
N LEU A 20 -8.13 7.56 -4.43
CA LEU A 20 -7.92 6.20 -4.93
C LEU A 20 -6.54 5.69 -4.54
N SER A 21 -5.54 6.55 -4.63
CA SER A 21 -4.19 6.18 -4.28
C SER A 21 -4.09 5.84 -2.79
N LEU A 22 -4.74 6.65 -1.96
CA LEU A 22 -4.73 6.42 -0.53
C LEU A 22 -5.31 5.05 -0.19
N ILE A 23 -6.41 4.72 -0.84
CA ILE A 23 -7.07 3.43 -0.60
C ILE A 23 -6.12 2.27 -0.93
N LEU A 24 -5.44 2.38 -2.07
CA LEU A 24 -4.51 1.34 -2.48
C LEU A 24 -3.35 1.24 -1.50
N VAL A 25 -2.80 2.38 -1.09
CA VAL A 25 -1.70 2.39 -0.15
C VAL A 25 -2.08 1.66 1.15
N VAL A 26 -3.28 1.94 1.63
CA VAL A 26 -3.76 1.31 2.85
C VAL A 26 -3.82 -0.21 2.68
N ILE A 27 -4.41 -0.65 1.57
CA ILE A 27 -4.52 -2.08 1.30
C ILE A 27 -3.15 -2.73 1.27
N LEU A 28 -2.22 -2.11 0.55
CA LEU A 28 -0.86 -2.64 0.45
C LEU A 28 -0.30 -2.93 1.83
N VAL A 29 -0.48 -1.99 2.75
CA VAL A 29 0.03 -2.14 4.10
C VAL A 29 -0.62 -3.36 4.77
N LEU A 30 -1.94 -3.44 4.70
CA LEU A 30 -2.66 -4.55 5.30
C LEU A 30 -2.22 -5.87 4.68
N LEU A 31 -2.00 -5.87 3.38
CA LEU A 31 -1.58 -7.08 2.68
C LEU A 31 -0.24 -7.57 3.23
N THR A 32 0.71 -6.65 3.38
CA THR A 32 2.02 -7.01 3.91
C THR A 32 1.89 -7.59 5.31
N VAL A 33 1.04 -6.99 6.12
CA VAL A 33 0.84 -7.46 7.49
C VAL A 33 0.46 -8.95 7.49
N LEU A 34 -0.58 -9.28 6.73
CA LEU A 34 -1.03 -10.67 6.65
C LEU A 34 0.11 -11.57 6.18
N ALA A 35 0.95 -11.05 5.29
CA ALA A 35 2.07 -11.82 4.78
C ALA A 35 3.07 -12.12 5.89
N LEU A 36 3.41 -11.09 6.66
CA LEU A 36 4.36 -11.26 7.77
C LEU A 36 3.84 -12.28 8.77
N LEU A 37 2.54 -12.24 9.03
CA LEU A 37 1.92 -13.16 9.98
C LEU A 37 1.99 -14.59 9.47
N SER A 38 1.73 -14.75 8.17
CA SER A 38 1.77 -16.08 7.56
C SER A 38 3.17 -16.68 7.67
N HIS A 39 4.18 -15.86 7.42
CA HIS A 39 5.57 -16.32 7.50
C HIS A 39 5.93 -16.68 8.93
N ARG A 40 5.42 -15.90 9.88
CA ARG A 40 5.70 -16.14 11.29
C ARG A 40 5.10 -17.48 11.74
N ARG A 41 3.90 -17.76 11.28
CA ARG A 41 3.23 -19.01 11.63
C ARG A 41 3.97 -20.20 11.05
N ALA A 42 4.52 -20.03 9.85
CA ALA A 42 5.25 -21.10 9.19
C ALA A 42 6.56 -21.38 9.92
N LEU A 43 7.22 -20.31 10.36
CA LEU A 43 8.48 -20.47 11.08
C LEU A 43 8.26 -21.19 12.41
N LYS A 44 7.14 -20.91 13.06
CA LYS A 44 6.82 -21.53 14.33
C LYS A 44 6.57 -23.03 14.14
N GLN A 45 5.87 -23.38 13.07
CA GLN A 45 5.56 -24.77 12.79
C GLN A 45 6.83 -25.54 12.44
N LYS A 46 7.73 -24.89 11.72
CA LYS A 46 8.98 -25.52 11.33
C LYS A 46 9.85 -25.80 12.56
N ILE A 47 9.81 -24.89 13.53
CA ILE A 47 10.59 -25.04 14.74
C ILE A 47 9.88 -25.94 15.73
N TRP A 48 8.56 -26.11 15.55
CA TRP A 48 7.78 -26.95 16.44
C TRP A 48 6.72 -27.71 15.64
N PRO A 49 7.16 -28.62 14.79
CA PRO A 49 6.24 -29.44 13.96
C PRO A 49 5.59 -30.57 14.75
N MET A 1 8.38 22.21 -10.64
CA MET A 1 9.22 23.16 -9.85
C MET A 1 9.62 22.51 -8.53
N SER A 2 8.70 22.50 -7.57
CA SER A 2 8.95 21.91 -6.26
C SER A 2 7.82 20.97 -5.87
N GLU A 3 7.18 20.37 -6.87
CA GLU A 3 6.08 19.45 -6.62
C GLU A 3 6.08 18.32 -7.64
N PRO A 4 7.12 17.52 -7.66
CA PRO A 4 7.25 16.39 -8.61
C PRO A 4 6.39 15.19 -8.21
N VAL A 5 6.45 14.84 -6.93
CA VAL A 5 5.68 13.70 -6.43
C VAL A 5 5.68 12.56 -7.43
N SER A 6 6.75 11.76 -7.41
CA SER A 6 6.86 10.64 -8.33
C SER A 6 6.90 11.12 -9.77
N LEU A 7 7.13 12.42 -9.95
CA LEU A 7 7.19 13.00 -11.28
C LEU A 7 5.86 12.83 -12.00
N LEU A 8 4.77 12.91 -11.24
CA LEU A 8 3.43 12.76 -11.81
C LEU A 8 2.90 14.10 -12.28
N THR A 9 2.55 14.16 -13.58
CA THR A 9 2.03 15.40 -14.18
C THR A 9 1.27 16.21 -13.13
N PRO A 10 1.92 17.16 -12.51
CA PRO A 10 1.28 18.02 -11.47
C PRO A 10 -0.02 18.66 -11.94
N SER A 11 -0.08 18.96 -13.24
CA SER A 11 -1.27 19.58 -13.81
C SER A 11 -2.42 18.59 -13.85
N ASP A 12 -2.10 17.31 -13.79
CA ASP A 12 -3.12 16.27 -13.81
C ASP A 12 -3.52 15.88 -12.40
N LEU A 13 -2.58 15.97 -11.47
CA LEU A 13 -2.84 15.62 -10.08
C LEU A 13 -4.21 16.11 -9.66
N ASP A 14 -5.13 15.17 -9.45
CA ASP A 14 -6.48 15.51 -9.05
C ASP A 14 -6.84 14.84 -7.72
N PRO A 15 -7.81 15.37 -7.02
CA PRO A 15 -8.25 14.81 -5.70
C PRO A 15 -8.84 13.42 -5.85
N LEU A 16 -9.47 13.16 -7.00
CA LEU A 16 -10.08 11.85 -7.25
C LEU A 16 -9.02 10.75 -7.25
N ILE A 17 -7.98 10.95 -8.05
CA ILE A 17 -6.90 9.98 -8.14
C ILE A 17 -6.14 9.90 -6.83
N LEU A 18 -6.04 11.02 -6.14
CA LEU A 18 -5.33 11.07 -4.86
C LEU A 18 -6.02 10.17 -3.84
N THR A 19 -7.35 10.26 -3.77
CA THR A 19 -8.11 9.44 -2.83
C THR A 19 -7.94 7.97 -3.15
N LEU A 20 -8.00 7.63 -4.44
CA LEU A 20 -7.86 6.25 -4.87
C LEU A 20 -6.52 5.67 -4.40
N SER A 21 -5.45 6.43 -4.63
CA SER A 21 -4.12 5.99 -4.23
C SER A 21 -4.08 5.75 -2.72
N LEU A 22 -4.78 6.59 -1.97
CA LEU A 22 -4.81 6.46 -0.52
C LEU A 22 -5.36 5.09 -0.12
N ILE A 23 -6.54 4.75 -0.65
CA ILE A 23 -7.16 3.47 -0.33
C ILE A 23 -6.24 2.32 -0.74
N LEU A 24 -5.59 2.46 -1.88
CA LEU A 24 -4.69 1.43 -2.38
C LEU A 24 -3.56 1.20 -1.38
N VAL A 25 -3.01 2.28 -0.85
CA VAL A 25 -1.93 2.17 0.11
C VAL A 25 -2.39 1.46 1.37
N VAL A 26 -3.60 1.79 1.83
CA VAL A 26 -4.15 1.18 3.02
C VAL A 26 -4.23 -0.34 2.86
N ILE A 27 -4.68 -0.77 1.69
CA ILE A 27 -4.79 -2.21 1.41
C ILE A 27 -3.41 -2.84 1.30
N LEU A 28 -2.49 -2.16 0.63
CA LEU A 28 -1.14 -2.67 0.46
C LEU A 28 -0.49 -2.91 1.82
N VAL A 29 -0.73 -1.99 2.75
CA VAL A 29 -0.16 -2.11 4.09
C VAL A 29 -0.77 -3.30 4.83
N LEU A 30 -2.07 -3.48 4.67
CA LEU A 30 -2.77 -4.57 5.34
C LEU A 30 -2.32 -5.92 4.76
N LEU A 31 -2.14 -5.95 3.44
CA LEU A 31 -1.71 -7.17 2.78
C LEU A 31 -0.35 -7.64 3.32
N THR A 32 0.55 -6.69 3.50
CA THR A 32 1.88 -7.01 4.02
C THR A 32 1.78 -7.55 5.43
N VAL A 33 0.97 -6.90 6.26
CA VAL A 33 0.81 -7.33 7.64
C VAL A 33 0.41 -8.80 7.70
N LEU A 34 -0.56 -9.19 6.88
CA LEU A 34 -1.00 -10.59 6.85
C LEU A 34 0.11 -11.48 6.30
N ALA A 35 0.83 -10.98 5.31
CA ALA A 35 1.92 -11.74 4.71
C ALA A 35 3.00 -12.03 5.74
N LEU A 36 3.30 -11.04 6.58
CA LEU A 36 4.32 -11.20 7.61
C LEU A 36 3.86 -12.21 8.66
N LEU A 37 2.61 -12.10 9.08
CA LEU A 37 2.06 -13.01 10.08
C LEU A 37 2.17 -14.45 9.60
N SER A 38 1.87 -14.67 8.33
CA SER A 38 1.94 -16.02 7.75
C SER A 38 3.36 -16.54 7.81
N HIS A 39 4.32 -15.70 7.43
CA HIS A 39 5.72 -16.10 7.44
C HIS A 39 6.15 -16.54 8.84
N ARG A 40 5.73 -15.77 9.85
CA ARG A 40 6.08 -16.09 11.22
C ARG A 40 5.47 -17.43 11.64
N ARG A 41 4.20 -17.63 11.27
CA ARG A 41 3.51 -18.87 11.61
C ARG A 41 4.23 -20.06 10.99
N ALA A 42 4.62 -19.92 9.73
CA ALA A 42 5.31 -21.00 9.03
C ALA A 42 6.59 -21.37 9.77
N LEU A 43 7.34 -20.37 10.21
CA LEU A 43 8.58 -20.61 10.94
C LEU A 43 8.31 -21.35 12.24
N LYS A 44 7.30 -20.89 12.98
CA LYS A 44 6.95 -21.53 14.24
C LYS A 44 6.62 -23.00 14.04
N GLN A 45 5.92 -23.30 12.94
CA GLN A 45 5.56 -24.68 12.64
C GLN A 45 6.79 -25.52 12.37
N LYS A 46 7.75 -24.94 11.64
CA LYS A 46 8.97 -25.66 11.31
C LYS A 46 9.79 -25.94 12.56
N ILE A 47 9.70 -25.03 13.53
CA ILE A 47 10.44 -25.19 14.78
C ILE A 47 9.80 -26.27 15.64
N TRP A 48 8.48 -26.33 15.63
CA TRP A 48 7.76 -27.34 16.40
C TRP A 48 6.48 -27.75 15.69
N PRO A 49 6.61 -28.55 14.65
CA PRO A 49 5.44 -29.03 13.87
C PRO A 49 4.74 -30.21 14.53
N MET A 1 8.92 34.26 -8.67
CA MET A 1 9.85 33.78 -9.73
C MET A 1 10.93 32.90 -9.11
N SER A 2 10.62 31.62 -8.95
CA SER A 2 11.56 30.68 -8.36
C SER A 2 11.15 29.24 -8.65
N GLU A 3 9.91 28.91 -8.31
CA GLU A 3 9.40 27.57 -8.53
C GLU A 3 7.93 27.61 -8.91
N PRO A 4 7.60 28.37 -9.93
CA PRO A 4 6.19 28.50 -10.41
C PRO A 4 5.67 27.22 -11.04
N VAL A 5 6.41 26.69 -12.00
CA VAL A 5 6.01 25.46 -12.67
C VAL A 5 5.91 24.30 -11.67
N SER A 6 6.52 24.48 -10.50
CA SER A 6 6.51 23.44 -9.48
C SER A 6 5.34 23.66 -8.53
N LEU A 7 5.01 24.92 -8.27
CA LEU A 7 3.90 25.25 -7.38
C LEU A 7 2.56 25.10 -8.09
N LEU A 8 2.60 25.25 -9.42
CA LEU A 8 1.37 25.14 -10.22
C LEU A 8 1.33 23.79 -10.93
N THR A 9 0.50 22.88 -10.43
CA THR A 9 0.38 21.55 -11.03
C THR A 9 -1.06 21.06 -10.93
N PRO A 10 -1.92 21.58 -11.75
CA PRO A 10 -3.36 21.19 -11.77
C PRO A 10 -3.55 19.72 -12.11
N SER A 11 -2.80 19.24 -13.11
CA SER A 11 -2.90 17.85 -13.52
C SER A 11 -2.67 16.92 -12.34
N ASP A 12 -1.67 17.23 -11.53
CA ASP A 12 -1.35 16.42 -10.37
C ASP A 12 -2.38 16.64 -9.27
N LEU A 13 -2.78 17.89 -9.08
CA LEU A 13 -3.77 18.23 -8.07
C LEU A 13 -5.11 17.61 -8.41
N ASP A 14 -5.24 16.30 -8.19
CA ASP A 14 -6.49 15.61 -8.48
C ASP A 14 -6.98 14.88 -7.22
N PRO A 15 -7.88 15.48 -6.47
CA PRO A 15 -8.44 14.85 -5.24
C PRO A 15 -9.02 13.46 -5.51
N LEU A 16 -9.34 13.20 -6.76
CA LEU A 16 -9.90 11.91 -7.14
C LEU A 16 -8.81 10.84 -7.19
N ILE A 17 -7.76 11.10 -7.94
CA ILE A 17 -6.66 10.16 -8.07
C ILE A 17 -5.95 10.01 -6.72
N LEU A 18 -5.91 11.09 -5.95
CA LEU A 18 -5.27 11.07 -4.64
C LEU A 18 -5.97 10.09 -3.72
N THR A 19 -7.29 10.20 -3.63
CA THR A 19 -8.07 9.31 -2.77
C THR A 19 -7.92 7.87 -3.23
N LEU A 20 -7.97 7.65 -4.54
CA LEU A 20 -7.84 6.31 -5.08
C LEU A 20 -6.52 5.67 -4.66
N SER A 21 -5.46 6.47 -4.69
CA SER A 21 -4.14 5.98 -4.31
C SER A 21 -4.10 5.65 -2.81
N LEU A 22 -4.66 6.55 -2.00
CA LEU A 22 -4.68 6.35 -0.57
C LEU A 22 -5.34 5.03 -0.22
N ILE A 23 -6.47 4.74 -0.85
CA ILE A 23 -7.19 3.50 -0.60
C ILE A 23 -6.31 2.30 -0.90
N LEU A 24 -5.66 2.32 -2.06
CA LEU A 24 -4.79 1.23 -2.46
C LEU A 24 -3.67 1.05 -1.44
N VAL A 25 -3.10 2.15 -0.99
CA VAL A 25 -2.02 2.09 -0.01
C VAL A 25 -2.47 1.35 1.25
N VAL A 26 -3.66 1.70 1.74
CA VAL A 26 -4.20 1.06 2.93
C VAL A 26 -4.26 -0.45 2.74
N ILE A 27 -4.78 -0.87 1.60
CA ILE A 27 -4.90 -2.29 1.30
C ILE A 27 -3.52 -2.94 1.24
N LEU A 28 -2.56 -2.25 0.62
CA LEU A 28 -1.21 -2.77 0.51
C LEU A 28 -0.59 -2.97 1.89
N VAL A 29 -0.79 -1.99 2.77
CA VAL A 29 -0.25 -2.08 4.12
C VAL A 29 -0.84 -3.27 4.86
N LEU A 30 -2.15 -3.45 4.73
CA LEU A 30 -2.82 -4.57 5.39
C LEU A 30 -2.30 -5.90 4.87
N LEU A 31 -2.14 -5.98 3.55
CA LEU A 31 -1.65 -7.21 2.93
C LEU A 31 -0.29 -7.59 3.51
N THR A 32 0.60 -6.61 3.59
CA THR A 32 1.93 -6.86 4.13
C THR A 32 1.85 -7.44 5.53
N VAL A 33 0.98 -6.85 6.36
CA VAL A 33 0.80 -7.31 7.73
C VAL A 33 0.44 -8.79 7.74
N LEU A 34 -0.59 -9.15 6.99
CA LEU A 34 -1.04 -10.53 6.92
C LEU A 34 0.08 -11.43 6.40
N ALA A 35 0.91 -10.88 5.52
CA ALA A 35 2.01 -11.64 4.95
C ALA A 35 3.01 -12.03 6.03
N LEU A 36 3.45 -11.04 6.80
CA LEU A 36 4.42 -11.30 7.87
C LEU A 36 3.84 -12.29 8.88
N LEU A 37 2.55 -12.15 9.17
CA LEU A 37 1.89 -13.04 10.11
C LEU A 37 2.00 -14.49 9.66
N SER A 38 1.69 -14.72 8.39
CA SER A 38 1.75 -16.07 7.84
C SER A 38 3.20 -16.58 7.86
N HIS A 39 4.13 -15.71 7.53
CA HIS A 39 5.55 -16.08 7.51
C HIS A 39 5.99 -16.57 8.88
N ARG A 40 5.59 -15.85 9.92
CA ARG A 40 5.96 -16.22 11.29
C ARG A 40 5.33 -17.55 11.67
N ARG A 41 4.06 -17.73 11.31
CA ARG A 41 3.36 -18.97 11.61
C ARG A 41 4.07 -20.16 10.99
N ALA A 42 4.51 -20.00 9.74
CA ALA A 42 5.21 -21.08 9.05
C ALA A 42 6.51 -21.41 9.75
N LEU A 43 7.28 -20.38 10.09
CA LEU A 43 8.56 -20.58 10.76
C LEU A 43 8.36 -21.30 12.09
N LYS A 44 7.28 -20.96 12.78
CA LYS A 44 6.99 -21.58 14.08
C LYS A 44 6.73 -23.07 13.89
N GLN A 45 5.91 -23.41 12.91
CA GLN A 45 5.58 -24.81 12.65
C GLN A 45 6.83 -25.59 12.27
N LYS A 46 7.73 -24.95 11.53
CA LYS A 46 8.96 -25.59 11.11
C LYS A 46 9.88 -25.86 12.31
N ILE A 47 9.91 -24.92 13.25
CA ILE A 47 10.73 -25.06 14.43
C ILE A 47 10.06 -25.97 15.45
N TRP A 48 8.74 -25.85 15.56
CA TRP A 48 7.98 -26.66 16.50
C TRP A 48 6.72 -27.22 15.85
N PRO A 49 6.88 -28.22 15.02
CA PRO A 49 5.74 -28.86 14.30
C PRO A 49 4.66 -29.35 15.25
N MET A 1 6.69 27.22 4.11
CA MET A 1 5.23 27.01 4.31
C MET A 1 4.46 28.18 3.69
N SER A 2 4.88 28.60 2.50
CA SER A 2 4.23 29.72 1.82
C SER A 2 3.06 29.22 0.98
N GLU A 3 3.04 27.91 0.71
CA GLU A 3 1.97 27.31 -0.08
C GLU A 3 1.50 26.01 0.55
N PRO A 4 0.82 26.11 1.66
CA PRO A 4 0.29 24.91 2.38
C PRO A 4 -0.45 23.96 1.46
N VAL A 5 -0.95 24.49 0.35
CA VAL A 5 -1.69 23.68 -0.62
C VAL A 5 -0.73 22.92 -1.52
N SER A 6 -1.15 21.74 -1.97
CA SER A 6 -0.32 20.92 -2.84
C SER A 6 -0.82 21.00 -4.28
N LEU A 7 -1.39 22.14 -4.65
CA LEU A 7 -1.91 22.33 -6.00
C LEU A 7 -0.79 22.76 -6.94
N LEU A 8 -0.16 21.79 -7.59
CA LEU A 8 0.93 22.07 -8.51
C LEU A 8 0.45 21.98 -9.96
N THR A 9 -0.23 20.87 -10.28
CA THR A 9 -0.75 20.66 -11.62
C THR A 9 -2.20 20.18 -11.57
N PRO A 10 -3.11 21.06 -11.30
CA PRO A 10 -4.56 20.74 -11.22
C PRO A 10 -5.05 19.99 -12.45
N SER A 11 -4.32 20.14 -13.56
CA SER A 11 -4.69 19.48 -14.80
C SER A 11 -5.04 18.02 -14.55
N ASP A 12 -4.46 17.44 -13.51
CA ASP A 12 -4.72 16.05 -13.17
C ASP A 12 -4.83 15.88 -11.66
N LEU A 13 -4.00 16.61 -10.92
CA LEU A 13 -4.01 16.53 -9.47
C LEU A 13 -5.41 16.79 -8.92
N ASP A 14 -6.24 15.74 -8.94
CA ASP A 14 -7.62 15.87 -8.45
C ASP A 14 -7.80 15.06 -7.17
N PRO A 15 -8.81 15.38 -6.39
CA PRO A 15 -9.10 14.68 -5.12
C PRO A 15 -9.57 13.24 -5.35
N LEU A 16 -10.19 13.00 -6.50
CA LEU A 16 -10.69 11.68 -6.83
C LEU A 16 -9.53 10.69 -6.94
N ILE A 17 -8.47 11.10 -7.65
CA ILE A 17 -7.31 10.24 -7.82
C ILE A 17 -6.52 10.12 -6.52
N LEU A 18 -6.50 11.20 -5.75
CA LEU A 18 -5.79 11.21 -4.49
C LEU A 18 -6.39 10.19 -3.52
N THR A 19 -7.72 10.17 -3.45
CA THR A 19 -8.40 9.22 -2.57
C THR A 19 -8.14 7.80 -3.01
N LEU A 20 -8.22 7.56 -4.32
CA LEU A 20 -7.99 6.23 -4.85
C LEU A 20 -6.62 5.70 -4.44
N SER A 21 -5.61 6.55 -4.56
CA SER A 21 -4.25 6.17 -4.19
C SER A 21 -4.18 5.83 -2.71
N LEU A 22 -4.80 6.67 -1.89
CA LEU A 22 -4.79 6.45 -0.44
C LEU A 22 -5.34 5.07 -0.11
N ILE A 23 -6.44 4.70 -0.75
CA ILE A 23 -7.05 3.39 -0.52
C ILE A 23 -6.12 2.28 -0.96
N LEU A 24 -5.57 2.42 -2.16
CA LEU A 24 -4.66 1.41 -2.69
C LEU A 24 -3.51 1.16 -1.73
N VAL A 25 -3.00 2.25 -1.14
CA VAL A 25 -1.89 2.14 -0.20
C VAL A 25 -2.33 1.39 1.06
N VAL A 26 -3.52 1.74 1.56
CA VAL A 26 -4.04 1.10 2.75
C VAL A 26 -4.11 -0.42 2.57
N ILE A 27 -4.54 -0.84 1.40
CA ILE A 27 -4.65 -2.27 1.10
C ILE A 27 -3.25 -2.91 1.02
N LEU A 28 -2.33 -2.21 0.39
CA LEU A 28 -0.97 -2.71 0.25
C LEU A 28 -0.31 -2.88 1.62
N VAL A 29 -0.60 -1.95 2.52
CA VAL A 29 -0.04 -2.00 3.86
C VAL A 29 -0.53 -3.25 4.60
N LEU A 30 -1.82 -3.52 4.50
CA LEU A 30 -2.40 -4.68 5.17
C LEU A 30 -1.85 -5.97 4.57
N LEU A 31 -1.65 -5.96 3.26
CA LEU A 31 -1.12 -7.14 2.57
C LEU A 31 0.21 -7.55 3.18
N THR A 32 1.11 -6.59 3.33
CA THR A 32 2.42 -6.87 3.90
C THR A 32 2.28 -7.41 5.33
N VAL A 33 1.41 -6.78 6.10
CA VAL A 33 1.19 -7.20 7.48
C VAL A 33 0.74 -8.65 7.53
N LEU A 34 -0.18 -9.02 6.64
CA LEU A 34 -0.69 -10.38 6.61
C LEU A 34 0.40 -11.34 6.14
N ALA A 35 1.28 -10.85 5.27
CA ALA A 35 2.36 -11.69 4.76
C ALA A 35 3.38 -11.96 5.87
N LEU A 36 3.65 -10.96 6.69
CA LEU A 36 4.60 -11.09 7.78
C LEU A 36 4.10 -12.11 8.80
N LEU A 37 2.80 -12.09 9.05
CA LEU A 37 2.21 -13.02 10.02
C LEU A 37 2.27 -14.45 9.49
N SER A 38 2.01 -14.59 8.20
CA SER A 38 2.04 -15.92 7.58
C SER A 38 3.42 -16.56 7.74
N HIS A 39 4.46 -15.78 7.46
CA HIS A 39 5.82 -16.28 7.57
C HIS A 39 6.14 -16.65 9.01
N ARG A 40 5.73 -15.79 9.95
CA ARG A 40 5.97 -16.03 11.36
C ARG A 40 5.38 -17.37 11.78
N ARG A 41 4.15 -17.63 11.34
CA ARG A 41 3.46 -18.87 11.68
C ARG A 41 4.21 -20.07 11.10
N ALA A 42 4.56 -19.98 9.82
CA ALA A 42 5.27 -21.06 9.17
C ALA A 42 6.52 -21.44 9.96
N LEU A 43 7.30 -20.43 10.34
CA LEU A 43 8.52 -20.67 11.10
C LEU A 43 8.20 -21.42 12.40
N LYS A 44 7.14 -20.99 13.07
CA LYS A 44 6.75 -21.62 14.33
C LYS A 44 6.39 -23.09 14.09
N GLN A 45 5.66 -23.35 13.00
CA GLN A 45 5.26 -24.72 12.68
C GLN A 45 6.48 -25.59 12.41
N LYS A 46 7.48 -25.01 11.76
CA LYS A 46 8.70 -25.74 11.44
C LYS A 46 9.47 -26.07 12.71
N ILE A 47 9.38 -25.18 13.70
CA ILE A 47 10.06 -25.38 14.97
C ILE A 47 9.33 -26.40 15.82
N TRP A 48 8.00 -26.36 15.78
CA TRP A 48 7.18 -27.27 16.57
C TRP A 48 5.94 -27.69 15.78
N PRO A 49 6.12 -28.55 14.81
CA PRO A 49 4.99 -29.04 13.96
C PRO A 49 3.85 -29.62 14.80
N MET A 1 11.00 6.26 -16.99
CA MET A 1 10.36 7.56 -17.33
C MET A 1 11.21 8.69 -16.76
N SER A 2 10.77 9.93 -16.98
CA SER A 2 11.50 11.10 -16.49
C SER A 2 11.47 11.13 -14.96
N GLU A 3 11.03 12.26 -14.41
CA GLU A 3 10.97 12.41 -12.96
C GLU A 3 9.69 13.15 -12.56
N PRO A 4 8.56 12.60 -12.90
CA PRO A 4 7.24 13.21 -12.56
C PRO A 4 6.89 13.05 -11.08
N VAL A 5 7.37 11.97 -10.49
CA VAL A 5 7.10 11.70 -9.07
C VAL A 5 7.76 12.78 -8.19
N SER A 6 8.83 13.36 -8.71
CA SER A 6 9.55 14.39 -7.96
C SER A 6 9.02 15.78 -8.33
N LEU A 7 8.94 16.05 -9.62
CA LEU A 7 8.46 17.34 -10.10
C LEU A 7 7.04 17.60 -9.59
N LEU A 8 6.73 18.86 -9.33
CA LEU A 8 5.40 19.23 -8.84
C LEU A 8 4.46 19.50 -10.01
N THR A 9 3.30 18.86 -9.99
CA THR A 9 2.32 19.05 -11.05
C THR A 9 0.90 19.07 -10.47
N PRO A 10 0.53 20.15 -9.84
CA PRO A 10 -0.83 20.31 -9.24
C PRO A 10 -1.94 20.10 -10.26
N SER A 11 -1.60 20.23 -11.53
CA SER A 11 -2.58 20.06 -12.59
C SER A 11 -2.93 18.58 -12.77
N ASP A 12 -2.05 17.71 -12.27
CA ASP A 12 -2.27 16.27 -12.37
C ASP A 12 -2.74 15.70 -11.03
N LEU A 13 -2.25 16.29 -9.94
CA LEU A 13 -2.62 15.83 -8.61
C LEU A 13 -4.04 16.25 -8.26
N ASP A 14 -5.00 15.43 -8.66
CA ASP A 14 -6.40 15.73 -8.38
C ASP A 14 -6.87 15.00 -7.12
N PRO A 15 -7.92 15.47 -6.51
CA PRO A 15 -8.49 14.85 -5.28
C PRO A 15 -9.06 13.46 -5.54
N LEU A 16 -9.47 13.21 -6.78
CA LEU A 16 -10.03 11.92 -7.15
C LEU A 16 -8.94 10.85 -7.15
N ILE A 17 -7.85 11.12 -7.86
CA ILE A 17 -6.75 10.16 -7.94
C ILE A 17 -6.07 10.02 -6.58
N LEU A 18 -6.11 11.09 -5.79
CA LEU A 18 -5.50 11.06 -4.47
C LEU A 18 -6.23 10.08 -3.55
N THR A 19 -7.54 10.21 -3.48
CA THR A 19 -8.35 9.34 -2.64
C THR A 19 -8.11 7.89 -3.01
N LEU A 20 -8.09 7.61 -4.32
CA LEU A 20 -7.88 6.25 -4.79
C LEU A 20 -6.52 5.73 -4.35
N SER A 21 -5.49 6.55 -4.55
CA SER A 21 -4.13 6.15 -4.16
C SER A 21 -4.06 5.84 -2.68
N LEU A 22 -4.73 6.66 -1.87
CA LEU A 22 -4.74 6.46 -0.43
C LEU A 22 -5.35 5.11 -0.08
N ILE A 23 -6.44 4.76 -0.76
CA ILE A 23 -7.11 3.49 -0.51
C ILE A 23 -6.19 2.33 -0.86
N LEU A 24 -5.55 2.42 -2.02
CA LEU A 24 -4.64 1.36 -2.46
C LEU A 24 -3.49 1.20 -1.47
N VAL A 25 -3.00 2.32 -0.95
CA VAL A 25 -1.90 2.30 -0.01
C VAL A 25 -2.27 1.50 1.24
N VAL A 26 -3.48 1.72 1.73
CA VAL A 26 -3.95 1.03 2.92
C VAL A 26 -4.07 -0.47 2.65
N ILE A 27 -4.61 -0.82 1.49
CA ILE A 27 -4.77 -2.22 1.12
C ILE A 27 -3.41 -2.90 1.01
N LEU A 28 -2.45 -2.20 0.42
CA LEU A 28 -1.11 -2.75 0.26
C LEU A 28 -0.49 -3.07 1.61
N VAL A 29 -0.57 -2.12 2.54
CA VAL A 29 -0.01 -2.32 3.87
C VAL A 29 -0.71 -3.47 4.58
N LEU A 30 -2.02 -3.54 4.43
CA LEU A 30 -2.81 -4.60 5.06
C LEU A 30 -2.34 -5.96 4.54
N LEU A 31 -2.19 -6.07 3.23
CA LEU A 31 -1.75 -7.32 2.62
C LEU A 31 -0.40 -7.74 3.16
N THR A 32 0.48 -6.77 3.35
CA THR A 32 1.82 -7.05 3.86
C THR A 32 1.76 -7.54 5.29
N VAL A 33 0.91 -6.91 6.11
CA VAL A 33 0.75 -7.30 7.49
C VAL A 33 0.36 -8.77 7.60
N LEU A 34 -0.63 -9.18 6.80
CA LEU A 34 -1.08 -10.56 6.80
C LEU A 34 0.01 -11.48 6.29
N ALA A 35 0.83 -10.98 5.37
CA ALA A 35 1.91 -11.78 4.80
C ALA A 35 2.98 -12.06 5.86
N LEU A 36 3.29 -11.04 6.66
CA LEU A 36 4.29 -11.20 7.70
C LEU A 36 3.84 -12.22 8.74
N LEU A 37 2.56 -12.18 9.08
CA LEU A 37 2.00 -13.10 10.05
C LEU A 37 2.12 -14.53 9.56
N SER A 38 1.85 -14.74 8.27
CA SER A 38 1.92 -16.07 7.68
C SER A 38 3.34 -16.61 7.77
N HIS A 39 4.31 -15.76 7.48
CA HIS A 39 5.71 -16.17 7.54
C HIS A 39 6.09 -16.62 8.94
N ARG A 40 5.74 -15.79 9.93
CA ARG A 40 6.05 -16.12 11.32
C ARG A 40 5.40 -17.44 11.72
N ARG A 41 4.13 -17.60 11.38
CA ARG A 41 3.41 -18.82 11.70
C ARG A 41 4.14 -20.04 11.17
N ALA A 42 4.64 -19.93 9.94
CA ALA A 42 5.37 -21.03 9.33
C ALA A 42 6.66 -21.32 10.10
N LEU A 43 7.38 -20.27 10.46
CA LEU A 43 8.63 -20.42 11.20
C LEU A 43 8.39 -21.22 12.47
N LYS A 44 7.25 -21.00 13.12
CA LYS A 44 6.93 -21.71 14.34
C LYS A 44 6.67 -23.19 14.05
N GLN A 45 5.82 -23.47 13.07
CA GLN A 45 5.50 -24.84 12.70
C GLN A 45 6.77 -25.59 12.27
N LYS A 46 7.72 -24.84 11.71
CA LYS A 46 8.98 -25.45 11.25
C LYS A 46 9.81 -25.91 12.45
N ILE A 47 9.94 -25.03 13.44
CA ILE A 47 10.72 -25.35 14.63
C ILE A 47 9.81 -25.94 15.72
N TRP A 48 8.53 -26.09 15.40
CA TRP A 48 7.57 -26.64 16.35
C TRP A 48 6.41 -27.29 15.63
N PRO A 49 6.67 -28.33 14.88
CA PRO A 49 5.63 -29.06 14.11
C PRO A 49 4.77 -29.94 15.01
N MET A 1 12.46 8.63 -14.03
CA MET A 1 11.11 8.66 -13.38
C MET A 1 10.94 9.96 -12.62
N SER A 2 11.26 11.08 -13.28
CA SER A 2 11.13 12.38 -12.64
C SER A 2 9.91 13.12 -13.17
N GLU A 3 9.07 13.58 -12.25
CA GLU A 3 7.86 14.31 -12.65
C GLU A 3 7.45 15.29 -11.56
N PRO A 4 8.36 16.13 -11.14
CA PRO A 4 8.10 17.15 -10.08
C PRO A 4 7.10 18.21 -10.54
N VAL A 5 7.47 18.97 -11.57
CA VAL A 5 6.61 20.01 -12.09
C VAL A 5 5.17 19.54 -12.16
N SER A 6 4.99 18.27 -12.52
CA SER A 6 3.65 17.69 -12.63
C SER A 6 3.06 17.46 -11.25
N LEU A 7 3.65 16.52 -10.52
CA LEU A 7 3.17 16.20 -9.17
C LEU A 7 2.70 17.46 -8.45
N LEU A 8 3.32 18.59 -8.80
CA LEU A 8 2.95 19.86 -8.19
C LEU A 8 1.71 20.43 -8.84
N THR A 9 1.67 20.38 -10.18
CA THR A 9 0.54 20.91 -10.94
C THR A 9 -0.75 20.81 -10.12
N PRO A 10 -1.08 21.85 -9.39
CA PRO A 10 -2.30 21.86 -8.52
C PRO A 10 -3.56 21.48 -9.29
N SER A 11 -3.53 21.68 -10.60
CA SER A 11 -4.68 21.35 -11.44
C SER A 11 -4.84 19.84 -11.56
N ASP A 12 -3.73 19.12 -11.40
CA ASP A 12 -3.76 17.66 -11.49
C ASP A 12 -4.05 17.04 -10.14
N LEU A 13 -3.39 17.54 -9.11
CA LEU A 13 -3.58 17.02 -7.76
C LEU A 13 -5.03 17.20 -7.32
N ASP A 14 -5.89 16.28 -7.75
CA ASP A 14 -7.30 16.36 -7.40
C ASP A 14 -7.59 15.51 -6.17
N PRO A 15 -8.66 15.81 -5.47
CA PRO A 15 -9.06 15.05 -4.25
C PRO A 15 -9.47 13.61 -4.58
N LEU A 16 -10.03 13.42 -5.77
CA LEU A 16 -10.46 12.09 -6.18
C LEU A 16 -9.26 11.17 -6.35
N ILE A 17 -8.20 11.67 -6.99
CA ILE A 17 -7.00 10.87 -7.21
C ILE A 17 -6.32 10.57 -5.88
N LEU A 18 -6.25 11.58 -5.01
CA LEU A 18 -5.62 11.40 -3.71
C LEU A 18 -6.25 10.24 -2.96
N THR A 19 -7.58 10.21 -2.93
CA THR A 19 -8.29 9.14 -2.23
C THR A 19 -8.01 7.79 -2.88
N LEU A 20 -8.12 7.74 -4.20
CA LEU A 20 -7.87 6.50 -4.93
C LEU A 20 -6.51 5.92 -4.56
N SER A 21 -5.50 6.78 -4.50
CA SER A 21 -4.15 6.35 -4.15
C SER A 21 -4.11 5.84 -2.71
N LEU A 22 -4.72 6.60 -1.81
CA LEU A 22 -4.75 6.22 -0.40
C LEU A 22 -5.29 4.80 -0.23
N ILE A 23 -6.34 4.48 -1.00
CA ILE A 23 -6.94 3.16 -0.92
C ILE A 23 -5.95 2.09 -1.39
N LEU A 24 -5.28 2.36 -2.51
CA LEU A 24 -4.31 1.42 -3.04
C LEU A 24 -3.22 1.13 -2.00
N VAL A 25 -2.85 2.14 -1.24
CA VAL A 25 -1.82 1.98 -0.22
C VAL A 25 -2.36 1.18 0.96
N VAL A 26 -3.62 1.43 1.31
CA VAL A 26 -4.25 0.72 2.42
C VAL A 26 -4.20 -0.78 2.20
N ILE A 27 -4.65 -1.22 1.02
CA ILE A 27 -4.65 -2.64 0.70
C ILE A 27 -3.23 -3.20 0.71
N LEU A 28 -2.33 -2.53 -0.01
CA LEU A 28 -0.95 -2.97 -0.09
C LEU A 28 -0.38 -3.20 1.31
N VAL A 29 -0.60 -2.24 2.19
CA VAL A 29 -0.11 -2.35 3.57
C VAL A 29 -0.75 -3.54 4.27
N LEU A 30 -2.05 -3.67 4.11
CA LEU A 30 -2.77 -4.78 4.73
C LEU A 30 -2.25 -6.12 4.23
N LEU A 31 -2.03 -6.20 2.92
CA LEU A 31 -1.54 -7.43 2.31
C LEU A 31 -0.18 -7.81 2.91
N THR A 32 0.65 -6.80 3.15
CA THR A 32 1.98 -7.04 3.71
C THR A 32 1.86 -7.57 5.15
N VAL A 33 0.93 -6.99 5.90
CA VAL A 33 0.73 -7.41 7.28
C VAL A 33 0.44 -8.91 7.35
N LEU A 34 -0.41 -9.38 6.44
CA LEU A 34 -0.75 -10.80 6.39
C LEU A 34 0.48 -11.63 6.00
N ALA A 35 1.27 -11.08 5.09
CA ALA A 35 2.48 -11.78 4.62
C ALA A 35 3.40 -12.09 5.80
N LEU A 36 3.58 -11.10 6.66
CA LEU A 36 4.45 -11.28 7.82
C LEU A 36 3.85 -12.31 8.78
N LEU A 37 2.55 -12.23 8.99
CA LEU A 37 1.87 -13.16 9.88
C LEU A 37 2.08 -14.59 9.41
N SER A 38 1.93 -14.81 8.11
CA SER A 38 2.10 -16.15 7.54
C SER A 38 3.51 -16.64 7.78
N HIS A 39 4.49 -15.79 7.51
CA HIS A 39 5.90 -16.16 7.70
C HIS A 39 6.15 -16.54 9.14
N ARG A 40 5.55 -15.79 10.07
CA ARG A 40 5.73 -16.05 11.49
C ARG A 40 5.08 -17.38 11.87
N ARG A 41 3.88 -17.62 11.35
CA ARG A 41 3.17 -18.86 11.65
C ARG A 41 3.98 -20.07 11.18
N ALA A 42 4.57 -19.97 10.00
CA ALA A 42 5.36 -21.06 9.45
C ALA A 42 6.60 -21.29 10.30
N LEU A 43 7.37 -20.24 10.53
CA LEU A 43 8.58 -20.34 11.33
C LEU A 43 8.31 -21.10 12.61
N LYS A 44 7.16 -20.83 13.22
CA LYS A 44 6.79 -21.48 14.47
C LYS A 44 6.46 -22.96 14.21
N GLN A 45 5.66 -23.20 13.19
CA GLN A 45 5.28 -24.57 12.85
C GLN A 45 6.47 -25.35 12.33
N LYS A 46 7.56 -24.63 12.04
CA LYS A 46 8.77 -25.27 11.53
C LYS A 46 9.63 -25.76 12.68
N ILE A 47 9.80 -24.92 13.69
CA ILE A 47 10.61 -25.27 14.85
C ILE A 47 9.78 -26.01 15.89
N TRP A 48 8.47 -25.73 15.92
CA TRP A 48 7.57 -26.37 16.86
C TRP A 48 6.30 -26.82 16.16
N PRO A 49 6.41 -27.83 15.32
CA PRO A 49 5.25 -28.37 14.56
C PRO A 49 4.03 -28.61 15.46
N MET A 1 11.90 18.23 -22.90
CA MET A 1 11.90 19.04 -21.65
C MET A 1 10.48 19.43 -21.28
N SER A 2 9.78 18.52 -20.61
CA SER A 2 8.40 18.78 -20.20
C SER A 2 8.18 18.35 -18.75
N GLU A 3 8.19 17.05 -18.50
CA GLU A 3 7.99 16.53 -17.17
C GLU A 3 9.33 16.22 -16.50
N PRO A 4 9.36 16.21 -15.19
CA PRO A 4 10.60 15.92 -14.42
C PRO A 4 11.09 14.49 -14.65
N VAL A 5 10.25 13.52 -14.30
CA VAL A 5 10.63 12.12 -14.47
C VAL A 5 9.40 11.22 -14.34
N SER A 6 8.35 11.76 -13.72
CA SER A 6 7.11 10.99 -13.54
C SER A 6 6.05 11.85 -12.85
N LEU A 7 5.25 12.53 -13.65
CA LEU A 7 4.20 13.39 -13.12
C LEU A 7 2.99 13.40 -14.05
N LEU A 8 1.86 12.87 -13.55
CA LEU A 8 0.65 12.83 -14.34
C LEU A 8 0.14 14.24 -14.64
N THR A 9 -0.96 14.33 -15.38
CA THR A 9 -1.54 15.61 -15.72
C THR A 9 -2.41 16.13 -14.59
N PRO A 10 -2.57 17.43 -14.50
CA PRO A 10 -3.40 18.07 -13.45
C PRO A 10 -4.88 17.74 -13.60
N SER A 11 -5.31 17.57 -14.84
CA SER A 11 -6.71 17.26 -15.12
C SER A 11 -6.99 15.78 -14.85
N ASP A 12 -5.93 14.98 -14.76
CA ASP A 12 -6.08 13.55 -14.52
C ASP A 12 -6.03 13.26 -13.01
N LEU A 13 -5.19 14.01 -12.30
CA LEU A 13 -5.06 13.82 -10.86
C LEU A 13 -6.16 14.59 -10.12
N ASP A 14 -7.38 14.05 -10.17
CA ASP A 14 -8.50 14.68 -9.50
C ASP A 14 -8.72 14.08 -8.12
N PRO A 15 -9.48 14.74 -7.29
CA PRO A 15 -9.78 14.26 -5.91
C PRO A 15 -10.07 12.77 -5.86
N LEU A 16 -10.85 12.30 -6.82
CA LEU A 16 -11.22 10.89 -6.87
C LEU A 16 -9.98 10.02 -6.99
N ILE A 17 -9.13 10.34 -7.96
CA ILE A 17 -7.90 9.57 -8.17
C ILE A 17 -7.04 9.58 -6.92
N LEU A 18 -7.08 10.69 -6.18
CA LEU A 18 -6.29 10.81 -4.95
C LEU A 18 -6.85 9.88 -3.87
N THR A 19 -8.17 9.80 -3.79
CA THR A 19 -8.82 8.95 -2.80
C THR A 19 -8.49 7.48 -3.06
N LEU A 20 -8.42 7.11 -4.34
CA LEU A 20 -8.10 5.74 -4.71
C LEU A 20 -6.68 5.38 -4.29
N SER A 21 -5.74 6.27 -4.58
CA SER A 21 -4.35 6.04 -4.22
C SER A 21 -4.21 5.76 -2.73
N LEU A 22 -4.93 6.54 -1.93
CA LEU A 22 -4.88 6.38 -0.48
C LEU A 22 -5.44 5.01 -0.08
N ILE A 23 -6.58 4.66 -0.66
CA ILE A 23 -7.21 3.38 -0.35
C ILE A 23 -6.27 2.23 -0.72
N LEU A 24 -5.62 2.33 -1.87
CA LEU A 24 -4.70 1.29 -2.32
C LEU A 24 -3.48 1.23 -1.39
N VAL A 25 -3.02 2.40 -0.96
CA VAL A 25 -1.86 2.46 -0.07
C VAL A 25 -2.14 1.72 1.23
N VAL A 26 -3.30 1.96 1.80
CA VAL A 26 -3.69 1.31 3.05
C VAL A 26 -3.72 -0.21 2.87
N ILE A 27 -4.22 -0.65 1.72
CA ILE A 27 -4.30 -2.08 1.43
C ILE A 27 -2.90 -2.68 1.33
N LEU A 28 -2.01 -1.97 0.67
CA LEU A 28 -0.64 -2.45 0.50
C LEU A 28 0.02 -2.68 1.86
N VAL A 29 -0.13 -1.72 2.76
CA VAL A 29 0.45 -1.82 4.09
C VAL A 29 -0.10 -3.04 4.82
N LEU A 30 -1.41 -3.25 4.71
CA LEU A 30 -2.05 -4.39 5.35
C LEU A 30 -1.51 -5.70 4.80
N LEU A 31 -1.44 -5.78 3.47
CA LEU A 31 -0.93 -6.99 2.81
C LEU A 31 0.45 -7.34 3.33
N THR A 32 1.29 -6.32 3.51
CA THR A 32 2.64 -6.53 4.00
C THR A 32 2.62 -7.12 5.40
N VAL A 33 1.82 -6.51 6.28
CA VAL A 33 1.71 -6.98 7.65
C VAL A 33 1.31 -8.46 7.68
N LEU A 34 0.35 -8.82 6.83
CA LEU A 34 -0.12 -10.21 6.77
C LEU A 34 1.00 -11.12 6.27
N ALA A 35 1.79 -10.63 5.32
CA ALA A 35 2.89 -11.41 4.76
C ALA A 35 3.91 -11.74 5.85
N LEU A 36 4.26 -10.73 6.64
CA LEU A 36 5.24 -10.92 7.71
C LEU A 36 4.71 -11.93 8.74
N LEU A 37 3.45 -11.76 9.14
CA LEU A 37 2.83 -12.65 10.10
C LEU A 37 2.84 -14.09 9.59
N SER A 38 2.56 -14.26 8.31
CA SER A 38 2.54 -15.59 7.70
C SER A 38 3.91 -16.25 7.83
N HIS A 39 4.95 -15.50 7.50
CA HIS A 39 6.31 -16.03 7.58
C HIS A 39 6.60 -16.56 8.97
N ARG A 40 6.26 -15.77 9.99
CA ARG A 40 6.50 -16.17 11.37
C ARG A 40 5.67 -17.40 11.71
N ARG A 41 4.41 -17.40 11.29
CA ARG A 41 3.51 -18.52 11.56
C ARG A 41 4.05 -19.80 10.93
N ALA A 42 4.58 -19.67 9.72
CA ALA A 42 5.13 -20.81 9.01
C ALA A 42 6.32 -21.39 9.76
N LEU A 43 7.18 -20.50 10.28
CA LEU A 43 8.35 -20.93 11.02
C LEU A 43 7.94 -21.74 12.26
N LYS A 44 7.00 -21.21 13.02
CA LYS A 44 6.52 -21.89 14.21
C LYS A 44 6.01 -23.29 13.87
N GLN A 45 5.11 -23.35 12.89
CA GLN A 45 4.55 -24.64 12.47
C GLN A 45 5.66 -25.64 12.21
N LYS A 46 6.70 -25.20 11.52
CA LYS A 46 7.82 -26.08 11.21
C LYS A 46 8.42 -26.67 12.48
N ILE A 47 8.76 -25.80 13.43
CA ILE A 47 9.34 -26.24 14.69
C ILE A 47 8.24 -26.59 15.68
N TRP A 48 7.00 -26.55 15.22
CA TRP A 48 5.86 -26.85 16.09
C TRP A 48 4.71 -27.43 15.27
N PRO A 49 4.93 -28.55 14.64
CA PRO A 49 3.90 -29.23 13.81
C PRO A 49 2.82 -29.89 14.66
N MET A 1 6.24 31.97 -1.55
CA MET A 1 5.53 32.25 -2.82
C MET A 1 6.37 31.76 -4.00
N SER A 2 6.98 30.60 -3.83
CA SER A 2 7.80 30.04 -4.89
C SER A 2 6.93 29.47 -6.01
N GLU A 3 7.31 29.74 -7.24
CA GLU A 3 6.57 29.24 -8.38
C GLU A 3 7.05 27.85 -8.80
N PRO A 4 8.34 27.67 -8.87
CA PRO A 4 8.95 26.37 -9.27
C PRO A 4 9.02 25.38 -8.12
N VAL A 5 8.91 24.09 -8.44
CA VAL A 5 8.96 23.05 -7.41
C VAL A 5 7.77 23.18 -6.47
N SER A 6 6.76 23.93 -6.89
CA SER A 6 5.58 24.13 -6.08
C SER A 6 4.33 24.18 -6.94
N LEU A 7 4.46 24.76 -8.13
CA LEU A 7 3.34 24.86 -9.05
C LEU A 7 2.66 23.50 -9.24
N LEU A 8 1.47 23.36 -8.69
CA LEU A 8 0.73 22.11 -8.81
C LEU A 8 0.36 21.84 -10.26
N THR A 9 -0.22 20.67 -10.52
CA THR A 9 -0.62 20.31 -11.87
C THR A 9 -2.04 19.73 -11.87
N PRO A 10 -3.02 20.58 -11.73
CA PRO A 10 -4.46 20.16 -11.73
C PRO A 10 -4.82 19.36 -12.99
N SER A 11 -4.08 19.60 -14.07
CA SER A 11 -4.34 18.90 -15.32
C SER A 11 -4.27 17.40 -15.12
N ASP A 12 -3.82 16.98 -13.94
CA ASP A 12 -3.70 15.55 -13.63
C ASP A 12 -4.00 15.30 -12.16
N LEU A 13 -3.45 16.13 -11.29
CA LEU A 13 -3.66 15.99 -9.86
C LEU A 13 -5.14 16.20 -9.52
N ASP A 14 -5.93 15.15 -9.64
CA ASP A 14 -7.34 15.23 -9.33
C ASP A 14 -7.62 14.69 -7.93
N PRO A 15 -8.72 15.10 -7.34
CA PRO A 15 -9.14 14.65 -5.99
C PRO A 15 -9.42 13.15 -5.94
N LEU A 16 -9.89 12.61 -7.05
CA LEU A 16 -10.21 11.19 -7.13
C LEU A 16 -8.93 10.36 -7.12
N ILE A 17 -7.96 10.77 -7.92
CA ILE A 17 -6.69 10.06 -7.99
C ILE A 17 -6.01 10.02 -6.63
N LEU A 18 -6.09 11.14 -5.90
CA LEU A 18 -5.48 11.22 -4.58
C LEU A 18 -6.13 10.22 -3.63
N THR A 19 -7.46 10.16 -3.66
CA THR A 19 -8.20 9.24 -2.80
C THR A 19 -7.93 7.79 -3.23
N LEU A 20 -7.87 7.57 -4.53
CA LEU A 20 -7.62 6.23 -5.06
C LEU A 20 -6.30 5.69 -4.55
N SER A 21 -5.28 6.55 -4.52
CA SER A 21 -3.97 6.14 -4.05
C SER A 21 -3.98 5.86 -2.55
N LEU A 22 -4.61 6.76 -1.80
CA LEU A 22 -4.70 6.61 -0.35
C LEU A 22 -5.30 5.25 0.00
N ILE A 23 -6.31 4.84 -0.75
CA ILE A 23 -6.96 3.56 -0.52
C ILE A 23 -6.04 2.41 -0.90
N LEU A 24 -5.39 2.54 -2.05
CA LEU A 24 -4.48 1.50 -2.53
C LEU A 24 -3.37 1.26 -1.51
N VAL A 25 -2.84 2.34 -0.94
CA VAL A 25 -1.78 2.23 0.04
C VAL A 25 -2.26 1.46 1.27
N VAL A 26 -3.38 1.91 1.83
CA VAL A 26 -3.95 1.26 3.00
C VAL A 26 -4.07 -0.24 2.78
N ILE A 27 -4.63 -0.62 1.63
CA ILE A 27 -4.81 -2.03 1.31
C ILE A 27 -3.46 -2.74 1.26
N LEU A 28 -2.48 -2.09 0.62
CA LEU A 28 -1.15 -2.67 0.52
C LEU A 28 -0.59 -2.98 1.90
N VAL A 29 -0.81 -2.07 2.85
CA VAL A 29 -0.33 -2.26 4.21
C VAL A 29 -0.95 -3.50 4.84
N LEU A 30 -2.27 -3.62 4.71
CA LEU A 30 -2.98 -4.77 5.27
C LEU A 30 -2.42 -6.06 4.70
N LEU A 31 -2.21 -6.09 3.38
CA LEU A 31 -1.69 -7.28 2.73
C LEU A 31 -0.32 -7.64 3.30
N THR A 32 0.51 -6.63 3.50
CA THR A 32 1.86 -6.86 4.04
C THR A 32 1.77 -7.51 5.41
N VAL A 33 0.95 -6.93 6.30
CA VAL A 33 0.80 -7.45 7.64
C VAL A 33 0.36 -8.91 7.60
N LEU A 34 -0.62 -9.21 6.75
CA LEU A 34 -1.14 -10.57 6.62
C LEU A 34 -0.03 -11.49 6.12
N ALA A 35 0.89 -10.95 5.34
CA ALA A 35 1.99 -11.74 4.80
C ALA A 35 2.98 -12.11 5.90
N LEU A 36 3.47 -11.09 6.60
CA LEU A 36 4.43 -11.32 7.68
C LEU A 36 3.85 -12.27 8.73
N LEU A 37 2.55 -12.13 8.99
CA LEU A 37 1.89 -12.97 9.97
C LEU A 37 1.96 -14.44 9.55
N SER A 38 1.63 -14.69 8.28
CA SER A 38 1.64 -16.06 7.77
C SER A 38 3.06 -16.63 7.81
N HIS A 39 4.03 -15.84 7.38
CA HIS A 39 5.41 -16.28 7.37
C HIS A 39 5.87 -16.64 8.79
N ARG A 40 5.51 -15.79 9.75
CA ARG A 40 5.88 -16.03 11.14
C ARG A 40 5.29 -17.35 11.64
N ARG A 41 4.04 -17.61 11.26
CA ARG A 41 3.37 -18.84 11.67
C ARG A 41 4.07 -20.06 11.07
N ALA A 42 4.45 -19.95 9.80
CA ALA A 42 5.12 -21.05 9.12
C ALA A 42 6.41 -21.40 9.83
N LEU A 43 7.23 -20.39 10.12
CA LEU A 43 8.50 -20.61 10.81
C LEU A 43 8.27 -21.27 12.16
N LYS A 44 7.24 -20.83 12.86
CA LYS A 44 6.92 -21.38 14.17
C LYS A 44 6.67 -22.88 14.08
N GLN A 45 5.82 -23.28 13.14
CA GLN A 45 5.51 -24.70 12.95
C GLN A 45 6.74 -25.46 12.48
N LYS A 46 7.61 -24.78 11.74
CA LYS A 46 8.83 -25.41 11.24
C LYS A 46 9.76 -25.78 12.39
N ILE A 47 9.85 -24.89 13.37
CA ILE A 47 10.71 -25.13 14.52
C ILE A 47 10.06 -26.14 15.47
N TRP A 48 8.76 -25.99 15.66
CA TRP A 48 8.03 -26.88 16.54
C TRP A 48 7.95 -28.28 15.94
N PRO A 49 7.73 -29.28 16.77
CA PRO A 49 7.61 -30.70 16.31
C PRO A 49 6.37 -30.93 15.47
N MET A 1 13.70 30.45 -15.48
CA MET A 1 13.56 29.21 -14.66
C MET A 1 12.56 29.45 -13.54
N SER A 2 11.30 29.08 -13.80
CA SER A 2 10.25 29.26 -12.81
C SER A 2 8.94 28.67 -13.31
N GLU A 3 8.70 27.40 -12.99
CA GLU A 3 7.48 26.73 -13.42
C GLU A 3 7.02 25.74 -12.36
N PRO A 4 6.85 26.18 -11.14
CA PRO A 4 6.41 25.32 -10.01
C PRO A 4 4.97 24.83 -10.20
N VAL A 5 4.83 23.53 -10.48
CA VAL A 5 3.50 22.96 -10.67
C VAL A 5 2.83 22.68 -9.34
N SER A 6 3.40 23.23 -8.27
CA SER A 6 2.85 23.04 -6.93
C SER A 6 1.47 23.68 -6.82
N LEU A 7 1.10 24.44 -7.85
CA LEU A 7 -0.21 25.11 -7.86
C LEU A 7 -1.33 24.08 -7.96
N LEU A 8 -1.02 22.92 -8.50
CA LEU A 8 -2.01 21.85 -8.63
C LEU A 8 -3.27 22.38 -9.30
N THR A 9 -4.22 21.48 -9.56
CA THR A 9 -5.48 21.86 -10.18
C THR A 9 -6.63 21.04 -9.62
N PRO A 10 -7.08 21.35 -8.44
CA PRO A 10 -8.19 20.62 -7.77
C PRO A 10 -9.43 20.52 -8.66
N SER A 11 -9.74 21.62 -9.35
CA SER A 11 -10.90 21.64 -10.24
C SER A 11 -10.94 20.39 -11.10
N ASP A 12 -9.76 19.94 -11.54
CA ASP A 12 -9.68 18.75 -12.39
C ASP A 12 -9.39 17.52 -11.55
N LEU A 13 -8.53 17.68 -10.55
CA LEU A 13 -8.18 16.56 -9.67
C LEU A 13 -9.32 16.28 -8.70
N ASP A 14 -10.30 15.50 -9.16
CA ASP A 14 -11.44 15.15 -8.32
C ASP A 14 -10.97 14.48 -7.03
N PRO A 15 -11.75 14.58 -5.99
CA PRO A 15 -11.41 14.00 -4.66
C PRO A 15 -11.28 12.48 -4.72
N LEU A 16 -11.86 11.88 -5.75
CA LEU A 16 -11.81 10.43 -5.92
C LEU A 16 -10.37 9.97 -6.14
N ILE A 17 -9.59 10.81 -6.80
CA ILE A 17 -8.18 10.48 -7.07
C ILE A 17 -7.40 10.36 -5.76
N LEU A 18 -7.55 11.36 -4.90
CA LEU A 18 -6.85 11.35 -3.62
C LEU A 18 -7.23 10.11 -2.81
N THR A 19 -8.51 9.77 -2.83
CA THR A 19 -8.99 8.60 -2.09
C THR A 19 -8.46 7.31 -2.72
N LEU A 20 -8.39 7.30 -4.05
CA LEU A 20 -7.89 6.13 -4.76
C LEU A 20 -6.47 5.80 -4.32
N SER A 21 -5.61 6.81 -4.28
CA SER A 21 -4.23 6.61 -3.89
C SER A 21 -4.14 6.15 -2.44
N LEU A 22 -4.89 6.82 -1.56
CA LEU A 22 -4.89 6.48 -0.15
C LEU A 22 -5.25 5.01 0.05
N ILE A 23 -6.23 4.54 -0.70
CA ILE A 23 -6.67 3.15 -0.60
C ILE A 23 -5.60 2.20 -1.14
N LEU A 24 -4.98 2.61 -2.25
CA LEU A 24 -3.93 1.78 -2.85
C LEU A 24 -2.79 1.57 -1.87
N VAL A 25 -2.37 2.65 -1.21
CA VAL A 25 -1.26 2.56 -0.26
C VAL A 25 -1.61 1.60 0.88
N VAL A 26 -2.83 1.72 1.39
CA VAL A 26 -3.28 0.86 2.47
C VAL A 26 -3.29 -0.60 2.04
N ILE A 27 -3.79 -0.85 0.83
CA ILE A 27 -3.84 -2.21 0.30
C ILE A 27 -2.44 -2.83 0.29
N LEU A 28 -1.45 -2.05 -0.10
CA LEU A 28 -0.07 -2.53 -0.14
C LEU A 28 0.42 -2.85 1.26
N VAL A 29 0.23 -1.92 2.18
CA VAL A 29 0.67 -2.11 3.56
C VAL A 29 -0.01 -3.33 4.17
N LEU A 30 -1.29 -3.51 3.86
CA LEU A 30 -2.05 -4.64 4.38
C LEU A 30 -1.45 -5.96 3.88
N LEU A 31 -1.15 -6.01 2.60
CA LEU A 31 -0.58 -7.23 2.01
C LEU A 31 0.70 -7.61 2.73
N THR A 32 1.54 -6.61 3.03
CA THR A 32 2.79 -6.87 3.72
C THR A 32 2.54 -7.44 5.11
N VAL A 33 1.57 -6.87 5.81
CA VAL A 33 1.24 -7.33 7.15
C VAL A 33 0.89 -8.82 7.13
N LEU A 34 0.07 -9.22 6.17
CA LEU A 34 -0.33 -10.62 6.04
C LEU A 34 0.88 -11.49 5.70
N ALA A 35 1.75 -10.98 4.85
CA ALA A 35 2.93 -11.72 4.44
C ALA A 35 3.79 -12.07 5.65
N LEU A 36 4.06 -11.07 6.49
CA LEU A 36 4.88 -11.28 7.68
C LEU A 36 4.20 -12.26 8.63
N LEU A 37 2.90 -12.06 8.84
CA LEU A 37 2.15 -12.94 9.73
C LEU A 37 2.20 -14.39 9.24
N SER A 38 2.05 -14.57 7.93
CA SER A 38 2.11 -15.90 7.34
C SER A 38 3.45 -16.56 7.63
N HIS A 39 4.52 -15.83 7.38
CA HIS A 39 5.86 -16.35 7.60
C HIS A 39 6.05 -16.73 9.07
N ARG A 40 5.56 -15.87 9.95
CA ARG A 40 5.70 -16.11 11.40
C ARG A 40 4.99 -17.40 11.79
N ARG A 41 3.79 -17.59 11.26
CA ARG A 41 3.02 -18.80 11.56
C ARG A 41 3.73 -20.04 11.03
N ALA A 42 4.29 -19.92 9.83
CA ALA A 42 5.00 -21.04 9.21
C ALA A 42 6.25 -21.40 10.02
N LEU A 43 6.96 -20.38 10.48
CA LEU A 43 8.17 -20.61 11.25
C LEU A 43 7.85 -21.28 12.58
N LYS A 44 6.70 -20.92 13.15
CA LYS A 44 6.29 -21.50 14.42
C LYS A 44 5.99 -22.99 14.26
N GLN A 45 5.19 -23.32 13.26
CA GLN A 45 4.84 -24.72 13.00
C GLN A 45 6.11 -25.56 12.85
N LYS A 46 7.08 -25.02 12.11
CA LYS A 46 8.33 -25.74 11.90
C LYS A 46 9.01 -26.05 13.23
N ILE A 47 9.10 -25.04 14.09
CA ILE A 47 9.73 -25.20 15.40
C ILE A 47 8.69 -25.63 16.44
N TRP A 48 7.46 -25.88 15.98
CA TRP A 48 6.39 -26.29 16.88
C TRP A 48 5.36 -27.14 16.13
N PRO A 49 5.72 -28.36 15.82
CA PRO A 49 4.82 -29.29 15.09
C PRO A 49 3.48 -29.49 15.80
N MET A 1 10.33 18.60 -24.47
CA MET A 1 9.00 17.94 -24.34
C MET A 1 8.16 18.69 -23.31
N SER A 2 8.76 19.68 -22.67
CA SER A 2 8.06 20.48 -21.66
C SER A 2 7.28 19.57 -20.71
N GLU A 3 7.81 18.36 -20.49
CA GLU A 3 7.15 17.42 -19.60
C GLU A 3 8.19 16.71 -18.72
N PRO A 4 8.76 17.42 -17.80
CA PRO A 4 9.79 16.87 -16.87
C PRO A 4 9.32 15.60 -16.19
N VAL A 5 10.16 14.56 -16.25
CA VAL A 5 9.81 13.28 -15.63
C VAL A 5 9.90 13.38 -14.11
N SER A 6 10.19 14.58 -13.61
CA SER A 6 10.30 14.80 -12.17
C SER A 6 9.31 15.88 -11.72
N LEU A 7 8.40 16.25 -12.60
CA LEU A 7 7.41 17.26 -12.28
C LEU A 7 6.18 17.13 -13.17
N LEU A 8 5.08 16.66 -12.58
CA LEU A 8 3.84 16.48 -13.34
C LEU A 8 2.98 17.73 -13.25
N THR A 9 1.83 17.70 -13.91
CA THR A 9 0.93 18.84 -13.91
C THR A 9 -0.48 18.40 -13.47
N PRO A 10 -1.29 19.35 -13.07
CA PRO A 10 -2.69 19.06 -12.63
C PRO A 10 -3.38 18.03 -13.52
N SER A 11 -3.09 18.09 -14.82
CA SER A 11 -3.70 17.16 -15.77
C SER A 11 -3.64 15.73 -15.23
N ASP A 12 -2.52 15.37 -14.62
CA ASP A 12 -2.37 14.04 -14.06
C ASP A 12 -2.64 14.04 -12.56
N LEU A 13 -2.15 15.08 -11.88
CA LEU A 13 -2.35 15.18 -10.44
C LEU A 13 -3.77 15.62 -10.13
N ASP A 14 -4.70 14.67 -10.25
CA ASP A 14 -6.10 14.97 -9.97
C ASP A 14 -6.47 14.52 -8.56
N PRO A 15 -7.48 15.13 -7.98
CA PRO A 15 -7.95 14.79 -6.61
C PRO A 15 -8.51 13.38 -6.53
N LEU A 16 -9.06 12.90 -7.64
CA LEU A 16 -9.63 11.56 -7.68
C LEU A 16 -8.56 10.51 -7.51
N ILE A 17 -7.50 10.59 -8.32
CA ILE A 17 -6.41 9.64 -8.23
C ILE A 17 -5.75 9.71 -6.86
N LEU A 18 -5.68 10.91 -6.30
CA LEU A 18 -5.06 11.10 -4.99
C LEU A 18 -5.78 10.27 -3.94
N THR A 19 -7.11 10.33 -3.95
CA THR A 19 -7.90 9.57 -2.99
C THR A 19 -7.75 8.07 -3.23
N LEU A 20 -7.76 7.68 -4.50
CA LEU A 20 -7.62 6.27 -4.85
C LEU A 20 -6.29 5.72 -4.34
N SER A 21 -5.24 6.52 -4.44
CA SER A 21 -3.92 6.11 -3.98
C SER A 21 -3.94 5.84 -2.48
N LEU A 22 -4.52 6.77 -1.72
CA LEU A 22 -4.59 6.61 -0.27
C LEU A 22 -5.30 5.31 0.09
N ILE A 23 -6.38 5.02 -0.60
CA ILE A 23 -7.14 3.81 -0.33
C ILE A 23 -6.30 2.57 -0.65
N LEU A 24 -5.75 2.54 -1.86
CA LEU A 24 -4.94 1.41 -2.28
C LEU A 24 -3.81 1.16 -1.28
N VAL A 25 -3.23 2.25 -0.78
CA VAL A 25 -2.14 2.14 0.19
C VAL A 25 -2.60 1.41 1.44
N VAL A 26 -3.78 1.78 1.93
CA VAL A 26 -4.34 1.15 3.12
C VAL A 26 -4.43 -0.36 2.95
N ILE A 27 -4.88 -0.79 1.78
CA ILE A 27 -5.01 -2.20 1.49
C ILE A 27 -3.63 -2.85 1.35
N LEU A 28 -2.75 -2.18 0.62
CA LEU A 28 -1.41 -2.70 0.40
C LEU A 28 -0.73 -2.99 1.74
N VAL A 29 -0.91 -2.09 2.70
CA VAL A 29 -0.31 -2.27 4.02
C VAL A 29 -0.91 -3.48 4.72
N LEU A 30 -2.24 -3.52 4.78
CA LEU A 30 -2.92 -4.62 5.43
C LEU A 30 -2.53 -5.95 4.80
N LEU A 31 -2.25 -5.93 3.50
CA LEU A 31 -1.85 -7.13 2.80
C LEU A 31 -0.52 -7.64 3.31
N THR A 32 0.44 -6.74 3.46
CA THR A 32 1.76 -7.11 3.95
C THR A 32 1.69 -7.61 5.38
N VAL A 33 0.84 -6.98 6.18
CA VAL A 33 0.68 -7.38 7.58
C VAL A 33 0.22 -8.82 7.67
N LEU A 34 -0.77 -9.17 6.86
CA LEU A 34 -1.30 -10.54 6.86
C LEU A 34 -0.23 -11.52 6.39
N ALA A 35 0.65 -11.06 5.51
CA ALA A 35 1.71 -11.90 5.00
C ALA A 35 2.76 -12.16 6.06
N LEU A 36 3.14 -11.10 6.77
CA LEU A 36 4.14 -11.22 7.83
C LEU A 36 3.68 -12.22 8.89
N LEU A 37 2.41 -12.14 9.24
CA LEU A 37 1.85 -13.04 10.25
C LEU A 37 1.94 -14.49 9.79
N SER A 38 1.57 -14.73 8.54
CA SER A 38 1.61 -16.08 7.98
C SER A 38 3.04 -16.63 8.03
N HIS A 39 4.00 -15.80 7.62
CA HIS A 39 5.40 -16.22 7.62
C HIS A 39 5.84 -16.61 9.02
N ARG A 40 5.36 -15.87 10.02
CA ARG A 40 5.71 -16.15 11.41
C ARG A 40 5.22 -17.53 11.82
N ARG A 41 3.93 -17.77 11.62
CA ARG A 41 3.33 -19.05 11.99
C ARG A 41 4.07 -20.18 11.29
N ALA A 42 4.40 -19.98 10.02
CA ALA A 42 5.11 -20.99 9.24
C ALA A 42 6.48 -21.27 9.86
N LEU A 43 7.23 -20.21 10.15
CA LEU A 43 8.54 -20.35 10.74
C LEU A 43 8.48 -21.16 12.03
N LYS A 44 7.49 -20.85 12.86
CA LYS A 44 7.32 -21.56 14.12
C LYS A 44 7.02 -23.04 13.89
N GLN A 45 6.12 -23.30 12.94
CA GLN A 45 5.75 -24.67 12.62
C GLN A 45 6.97 -25.47 12.15
N LYS A 46 7.86 -24.80 11.41
CA LYS A 46 9.05 -25.45 10.90
C LYS A 46 10.02 -25.76 12.05
N ILE A 47 10.14 -24.82 12.98
CA ILE A 47 11.03 -25.00 14.12
C ILE A 47 10.49 -26.07 15.07
N TRP A 48 9.18 -26.09 15.26
CA TRP A 48 8.55 -27.07 16.13
C TRP A 48 7.33 -27.68 15.45
N PRO A 49 7.56 -28.51 14.47
CA PRO A 49 6.46 -29.19 13.72
C PRO A 49 5.92 -30.41 14.47
N MET A 1 -3.39 30.19 4.23
CA MET A 1 -3.82 31.35 5.04
C MET A 1 -2.69 32.37 5.12
N SER A 2 -1.54 32.00 4.58
CA SER A 2 -0.38 32.90 4.60
C SER A 2 0.69 32.40 3.62
N GLU A 3 0.41 31.29 2.96
CA GLU A 3 1.36 30.74 2.00
C GLU A 3 0.63 30.28 0.73
N PRO A 4 0.10 31.21 0.00
CA PRO A 4 -0.64 30.92 -1.27
C PRO A 4 0.31 30.58 -2.42
N VAL A 5 1.40 31.33 -2.52
CA VAL A 5 2.38 31.11 -3.58
C VAL A 5 2.87 29.66 -3.55
N SER A 6 2.60 28.97 -2.46
CA SER A 6 3.02 27.59 -2.31
C SER A 6 1.85 26.64 -2.57
N LEU A 7 0.78 26.82 -1.82
CA LEU A 7 -0.41 25.97 -1.98
C LEU A 7 -0.66 25.68 -3.46
N LEU A 8 -0.91 24.42 -3.77
CA LEU A 8 -1.16 24.02 -5.15
C LEU A 8 -2.64 24.18 -5.49
N THR A 9 -2.90 24.90 -6.58
CA THR A 9 -4.28 25.13 -7.01
C THR A 9 -4.85 23.88 -7.66
N PRO A 10 -6.16 23.81 -7.81
CA PRO A 10 -6.83 22.65 -8.44
C PRO A 10 -6.09 22.13 -9.66
N SER A 11 -5.28 23.00 -10.27
CA SER A 11 -4.51 22.62 -11.45
C SER A 11 -3.76 21.31 -11.20
N ASP A 12 -3.67 20.92 -9.94
CA ASP A 12 -2.99 19.68 -9.58
C ASP A 12 -3.63 19.05 -8.35
N LEU A 13 -3.99 19.88 -7.38
CA LEU A 13 -4.61 19.39 -6.16
C LEU A 13 -5.94 18.71 -6.49
N ASP A 14 -5.91 17.39 -6.63
CA ASP A 14 -7.12 16.64 -6.94
C ASP A 14 -7.45 15.67 -5.81
N PRO A 15 -8.34 16.06 -4.92
CA PRO A 15 -8.76 15.20 -3.77
C PRO A 15 -9.22 13.81 -4.22
N LEU A 16 -9.54 13.70 -5.52
CA LEU A 16 -10.00 12.43 -6.07
C LEU A 16 -8.84 11.46 -6.23
N ILE A 17 -7.83 11.88 -7.00
CA ILE A 17 -6.66 11.04 -7.22
C ILE A 17 -5.99 10.69 -5.89
N LEU A 18 -6.07 11.62 -4.94
CA LEU A 18 -5.46 11.40 -3.63
C LEU A 18 -6.15 10.28 -2.90
N THR A 19 -7.48 10.34 -2.84
CA THR A 19 -8.25 9.31 -2.16
C THR A 19 -8.00 7.95 -2.79
N LEU A 20 -7.89 7.93 -4.12
CA LEU A 20 -7.66 6.68 -4.83
C LEU A 20 -6.31 6.07 -4.42
N SER A 21 -5.28 6.90 -4.42
CA SER A 21 -3.94 6.44 -4.04
C SER A 21 -3.94 5.97 -2.59
N LEU A 22 -4.69 6.67 -1.74
CA LEU A 22 -4.76 6.32 -0.33
C LEU A 22 -5.32 4.91 -0.16
N ILE A 23 -6.44 4.63 -0.83
CA ILE A 23 -7.06 3.32 -0.74
C ILE A 23 -6.11 2.24 -1.26
N LEU A 24 -5.36 2.57 -2.29
CA LEU A 24 -4.41 1.62 -2.88
C LEU A 24 -3.29 1.32 -1.90
N VAL A 25 -2.83 2.35 -1.20
CA VAL A 25 -1.75 2.18 -0.23
C VAL A 25 -2.23 1.36 0.96
N VAL A 26 -3.49 1.57 1.35
CA VAL A 26 -4.06 0.84 2.47
C VAL A 26 -4.16 -0.64 2.15
N ILE A 27 -4.57 -0.95 0.92
CA ILE A 27 -4.71 -2.34 0.50
C ILE A 27 -3.37 -3.05 0.54
N LEU A 28 -2.33 -2.39 0.03
CA LEU A 28 -1.00 -2.97 0.01
C LEU A 28 -0.56 -3.35 1.42
N VAL A 29 -0.71 -2.41 2.35
CA VAL A 29 -0.32 -2.66 3.73
C VAL A 29 -1.05 -3.88 4.28
N LEU A 30 -2.34 -3.98 3.97
CA LEU A 30 -3.14 -5.10 4.43
C LEU A 30 -2.57 -6.42 3.92
N LEU A 31 -2.19 -6.45 2.66
CA LEU A 31 -1.62 -7.64 2.06
C LEU A 31 -0.31 -8.01 2.75
N THR A 32 0.52 -7.00 2.98
CA THR A 32 1.82 -7.22 3.64
C THR A 32 1.60 -7.84 5.03
N VAL A 33 0.67 -7.27 5.79
CA VAL A 33 0.38 -7.78 7.12
C VAL A 33 0.03 -9.27 7.07
N LEU A 34 -0.78 -9.65 6.08
CA LEU A 34 -1.18 -11.04 5.93
C LEU A 34 0.03 -11.91 5.61
N ALA A 35 0.93 -11.40 4.79
CA ALA A 35 2.13 -12.14 4.42
C ALA A 35 3.02 -12.37 5.63
N LEU A 36 3.14 -11.34 6.46
CA LEU A 36 3.98 -11.43 7.66
C LEU A 36 3.41 -12.46 8.62
N LEU A 37 2.08 -12.47 8.77
CA LEU A 37 1.43 -13.42 9.66
C LEU A 37 1.66 -14.86 9.19
N SER A 38 1.69 -15.04 7.88
CA SER A 38 1.90 -16.36 7.30
C SER A 38 3.32 -16.85 7.58
N HIS A 39 4.30 -15.98 7.33
CA HIS A 39 5.70 -16.33 7.56
C HIS A 39 5.91 -16.73 9.01
N ARG A 40 5.34 -15.94 9.93
CA ARG A 40 5.49 -16.22 11.35
C ARG A 40 4.96 -17.61 11.68
N ARG A 41 3.79 -17.93 11.13
CA ARG A 41 3.19 -19.24 11.37
C ARG A 41 4.12 -20.36 10.92
N ALA A 42 4.62 -20.24 9.70
CA ALA A 42 5.52 -21.25 9.15
C ALA A 42 6.75 -21.41 10.05
N LEU A 43 7.32 -20.28 10.46
CA LEU A 43 8.50 -20.31 11.32
C LEU A 43 8.17 -20.95 12.66
N LYS A 44 7.05 -20.54 13.25
CA LYS A 44 6.63 -21.08 14.53
C LYS A 44 6.54 -22.60 14.47
N GLN A 45 6.05 -23.12 13.35
CA GLN A 45 5.92 -24.56 13.18
C GLN A 45 7.28 -25.22 13.03
N LYS A 46 8.11 -24.65 12.16
CA LYS A 46 9.45 -25.18 11.93
C LYS A 46 10.25 -25.20 13.23
N ILE A 47 9.97 -24.23 14.10
CA ILE A 47 10.67 -24.13 15.37
C ILE A 47 10.25 -25.26 16.30
N TRP A 48 8.94 -25.40 16.51
CA TRP A 48 8.42 -26.45 17.37
C TRP A 48 7.23 -27.14 16.71
N PRO A 49 7.48 -27.93 15.71
CA PRO A 49 6.42 -28.68 14.98
C PRO A 49 5.48 -29.41 15.91
N MET A 1 12.24 13.09 -0.14
CA MET A 1 13.71 12.88 -0.08
C MET A 1 14.03 11.40 -0.33
N SER A 2 13.09 10.53 0.05
CA SER A 2 13.27 9.10 -0.14
C SER A 2 11.96 8.44 -0.55
N GLU A 3 11.01 9.26 -0.99
CA GLU A 3 9.72 8.74 -1.41
C GLU A 3 9.15 9.56 -2.57
N PRO A 4 9.81 9.53 -3.70
CA PRO A 4 9.37 10.28 -4.90
C PRO A 4 7.88 10.14 -5.18
N VAL A 5 7.14 11.22 -4.98
CA VAL A 5 5.70 11.20 -5.20
C VAL A 5 5.38 11.50 -6.66
N SER A 6 6.36 11.28 -7.53
CA SER A 6 6.17 11.54 -8.95
C SER A 6 5.72 12.98 -9.18
N LEU A 7 6.09 13.86 -8.26
CA LEU A 7 5.71 15.27 -8.36
C LEU A 7 4.20 15.42 -8.48
N LEU A 8 3.70 16.59 -8.10
CA LEU A 8 2.26 16.84 -8.15
C LEU A 8 1.87 17.37 -9.53
N THR A 9 0.62 17.12 -9.92
CA THR A 9 0.13 17.57 -11.22
C THR A 9 -1.36 17.89 -11.14
N PRO A 10 -1.70 19.02 -10.58
CA PRO A 10 -3.11 19.46 -10.43
C PRO A 10 -3.85 19.44 -11.77
N SER A 11 -3.10 19.41 -12.87
CA SER A 11 -3.70 19.38 -14.19
C SER A 11 -4.63 18.18 -14.34
N ASP A 12 -4.48 17.21 -13.44
CA ASP A 12 -5.31 16.02 -13.48
C ASP A 12 -5.58 15.50 -12.08
N LEU A 13 -4.56 15.58 -11.22
CA LEU A 13 -4.68 15.11 -9.85
C LEU A 13 -5.99 15.62 -9.23
N ASP A 14 -7.04 14.81 -9.33
CA ASP A 14 -8.33 15.20 -8.78
C ASP A 14 -8.62 14.41 -7.51
N PRO A 15 -9.54 14.88 -6.71
CA PRO A 15 -9.94 14.22 -5.44
C PRO A 15 -10.09 12.71 -5.61
N LEU A 16 -10.63 12.30 -6.75
CA LEU A 16 -10.82 10.88 -7.02
C LEU A 16 -9.49 10.14 -6.99
N ILE A 17 -8.57 10.55 -7.86
CA ILE A 17 -7.25 9.92 -7.93
C ILE A 17 -6.54 10.01 -6.59
N LEU A 18 -6.80 11.10 -5.86
CA LEU A 18 -6.17 11.31 -4.55
C LEU A 18 -6.59 10.21 -3.58
N THR A 19 -7.90 10.02 -3.45
CA THR A 19 -8.42 9.00 -2.55
C THR A 19 -8.00 7.61 -3.01
N LEU A 20 -7.99 7.40 -4.32
CA LEU A 20 -7.60 6.11 -4.89
C LEU A 20 -6.21 5.71 -4.40
N SER A 21 -5.27 6.65 -4.47
CA SER A 21 -3.91 6.38 -4.04
C SER A 21 -3.88 6.06 -2.55
N LEU A 22 -4.63 6.83 -1.78
CA LEU A 22 -4.69 6.63 -0.33
C LEU A 22 -5.15 5.21 0.00
N ILE A 23 -6.19 4.75 -0.70
CA ILE A 23 -6.71 3.42 -0.48
C ILE A 23 -5.71 2.36 -0.93
N LEU A 24 -5.03 2.63 -2.03
CA LEU A 24 -4.04 1.70 -2.56
C LEU A 24 -2.93 1.46 -1.53
N VAL A 25 -2.49 2.54 -0.89
CA VAL A 25 -1.43 2.44 0.11
C VAL A 25 -1.90 1.62 1.30
N VAL A 26 -3.08 1.96 1.82
CA VAL A 26 -3.63 1.25 2.97
C VAL A 26 -3.66 -0.26 2.70
N ILE A 27 -4.13 -0.63 1.50
CA ILE A 27 -4.21 -2.04 1.14
C ILE A 27 -2.82 -2.68 1.16
N LEU A 28 -1.86 -2.03 0.52
CA LEU A 28 -0.50 -2.54 0.48
C LEU A 28 -0.02 -2.87 1.89
N VAL A 29 -0.27 -1.96 2.83
CA VAL A 29 0.16 -2.17 4.21
C VAL A 29 -0.53 -3.40 4.80
N LEU A 30 -1.84 -3.47 4.64
CA LEU A 30 -2.61 -4.59 5.17
C LEU A 30 -2.15 -5.90 4.53
N LEU A 31 -1.76 -5.83 3.26
CA LEU A 31 -1.30 -7.01 2.54
C LEU A 31 -0.03 -7.57 3.20
N THR A 32 0.95 -6.71 3.43
CA THR A 32 2.20 -7.12 4.05
C THR A 32 1.94 -7.65 5.46
N VAL A 33 1.00 -7.02 6.16
CA VAL A 33 0.67 -7.43 7.52
C VAL A 33 0.18 -8.88 7.54
N LEU A 34 -0.67 -9.22 6.57
CA LEU A 34 -1.21 -10.58 6.48
C LEU A 34 -0.10 -11.56 6.09
N ALA A 35 0.82 -11.09 5.26
CA ALA A 35 1.93 -11.93 4.81
C ALA A 35 2.87 -12.24 5.97
N LEU A 36 3.26 -11.20 6.71
CA LEU A 36 4.17 -11.38 7.84
C LEU A 36 3.60 -12.41 8.82
N LEU A 37 2.32 -12.29 9.13
CA LEU A 37 1.67 -13.21 10.06
C LEU A 37 1.76 -14.65 9.52
N SER A 38 1.40 -14.83 8.26
CA SER A 38 1.45 -16.14 7.64
C SER A 38 2.86 -16.70 7.67
N HIS A 39 3.83 -15.84 7.35
CA HIS A 39 5.23 -16.26 7.34
C HIS A 39 5.67 -16.69 8.73
N ARG A 40 5.27 -15.92 9.73
CA ARG A 40 5.63 -16.24 11.11
C ARG A 40 5.08 -17.60 11.51
N ARG A 41 3.85 -17.88 11.08
CA ARG A 41 3.22 -19.15 11.41
C ARG A 41 4.01 -20.31 10.84
N ALA A 42 4.31 -20.24 9.55
CA ALA A 42 5.07 -21.29 8.89
C ALA A 42 6.41 -21.50 9.59
N LEU A 43 7.03 -20.41 10.03
CA LEU A 43 8.32 -20.48 10.70
C LEU A 43 8.16 -21.14 12.07
N LYS A 44 7.09 -20.80 12.77
CA LYS A 44 6.82 -21.36 14.10
C LYS A 44 6.61 -22.87 14.00
N GLN A 45 5.81 -23.29 13.02
CA GLN A 45 5.54 -24.71 12.82
C GLN A 45 6.85 -25.48 12.62
N LYS A 46 7.70 -24.97 11.73
CA LYS A 46 8.97 -25.63 11.45
C LYS A 46 9.81 -25.74 12.72
N ILE A 47 9.85 -24.66 13.50
CA ILE A 47 10.62 -24.64 14.74
C ILE A 47 10.03 -25.64 15.74
N TRP A 48 8.71 -25.61 15.90
CA TRP A 48 8.03 -26.50 16.83
C TRP A 48 6.75 -27.05 16.21
N PRO A 49 6.88 -27.95 15.29
CA PRO A 49 5.71 -28.58 14.60
C PRO A 49 4.69 -29.14 15.59
N MET A 1 10.78 23.48 -8.24
CA MET A 1 9.37 23.44 -7.79
C MET A 1 8.70 24.78 -8.13
N SER A 2 8.12 24.86 -9.32
CA SER A 2 7.45 26.07 -9.76
C SER A 2 6.37 25.75 -10.78
N GLU A 3 6.16 24.47 -11.03
CA GLU A 3 5.15 24.04 -12.01
C GLU A 3 4.46 22.77 -11.53
N PRO A 4 3.79 22.84 -10.41
CA PRO A 4 3.06 21.67 -9.82
C PRO A 4 1.76 21.38 -10.56
N VAL A 5 1.69 21.83 -11.81
CA VAL A 5 0.49 21.61 -12.63
C VAL A 5 -0.77 21.94 -11.82
N SER A 6 -1.06 23.22 -11.70
CA SER A 6 -2.24 23.65 -10.95
C SER A 6 -2.94 24.80 -11.68
N LEU A 7 -2.58 25.00 -12.94
CA LEU A 7 -3.18 26.07 -13.73
C LEU A 7 -4.70 25.99 -13.68
N LEU A 8 -5.37 26.94 -14.33
CA LEU A 8 -6.82 26.95 -14.35
C LEU A 8 -7.37 25.82 -15.21
N THR A 9 -7.53 24.65 -14.60
CA THR A 9 -8.04 23.49 -15.31
C THR A 9 -8.78 22.56 -14.36
N PRO A 10 -9.97 22.93 -13.97
CA PRO A 10 -10.80 22.11 -13.03
C PRO A 10 -11.01 20.69 -13.55
N SER A 11 -11.10 20.55 -14.87
CA SER A 11 -11.31 19.24 -15.48
C SER A 11 -10.17 18.30 -15.12
N ASP A 12 -9.00 18.87 -14.86
CA ASP A 12 -7.83 18.06 -14.50
C ASP A 12 -7.79 17.81 -13.01
N LEU A 13 -8.06 18.85 -12.23
CA LEU A 13 -8.06 18.74 -10.77
C LEU A 13 -9.09 17.71 -10.32
N ASP A 14 -8.65 16.47 -10.14
CA ASP A 14 -9.55 15.41 -9.70
C ASP A 14 -9.03 14.74 -8.43
N PRO A 15 -9.49 15.15 -7.26
CA PRO A 15 -9.04 14.56 -5.97
C PRO A 15 -9.26 13.04 -5.93
N LEU A 16 -10.08 12.55 -6.85
CA LEU A 16 -10.37 11.11 -6.90
C LEU A 16 -9.08 10.31 -6.98
N ILE A 17 -8.13 10.81 -7.76
CA ILE A 17 -6.85 10.12 -7.92
C ILE A 17 -6.18 9.92 -6.56
N LEU A 18 -6.05 11.01 -5.81
CA LEU A 18 -5.42 10.95 -4.50
C LEU A 18 -6.19 10.01 -3.58
N THR A 19 -7.51 10.05 -3.70
CA THR A 19 -8.36 9.21 -2.87
C THR A 19 -8.13 7.73 -3.20
N LEU A 20 -8.12 7.42 -4.48
CA LEU A 20 -7.91 6.04 -4.93
C LEU A 20 -6.54 5.55 -4.52
N SER A 21 -5.53 6.38 -4.73
CA SER A 21 -4.16 6.02 -4.38
C SER A 21 -4.07 5.69 -2.89
N LEU A 22 -4.67 6.52 -2.06
CA LEU A 22 -4.63 6.30 -0.61
C LEU A 22 -5.18 4.91 -0.28
N ILE A 23 -6.29 4.55 -0.90
CA ILE A 23 -6.90 3.25 -0.65
C ILE A 23 -5.95 2.13 -1.05
N LEU A 24 -5.37 2.26 -2.24
CA LEU A 24 -4.44 1.25 -2.74
C LEU A 24 -3.26 1.10 -1.79
N VAL A 25 -2.78 2.22 -1.27
CA VAL A 25 -1.65 2.20 -0.35
C VAL A 25 -2.03 1.51 0.96
N VAL A 26 -3.19 1.89 1.51
CA VAL A 26 -3.66 1.30 2.75
C VAL A 26 -3.77 -0.21 2.62
N ILE A 27 -4.34 -0.65 1.51
CA ILE A 27 -4.50 -2.09 1.26
C ILE A 27 -3.14 -2.78 1.23
N LEU A 28 -2.21 -2.22 0.47
CA LEU A 28 -0.88 -2.79 0.36
C LEU A 28 -0.26 -3.00 1.75
N VAL A 29 -0.38 -1.98 2.60
CA VAL A 29 0.17 -2.06 3.95
C VAL A 29 -0.53 -3.16 4.74
N LEU A 30 -1.85 -3.22 4.64
CA LEU A 30 -2.62 -4.22 5.36
C LEU A 30 -2.22 -5.62 4.91
N LEU A 31 -2.04 -5.79 3.59
CA LEU A 31 -1.67 -7.08 3.05
C LEU A 31 -0.32 -7.52 3.61
N THR A 32 0.63 -6.60 3.68
CA THR A 32 1.94 -6.91 4.21
C THR A 32 1.84 -7.45 5.63
N VAL A 33 1.05 -6.78 6.46
CA VAL A 33 0.88 -7.20 7.85
C VAL A 33 0.37 -8.63 7.90
N LEU A 34 -0.57 -8.97 7.02
CA LEU A 34 -1.13 -10.31 6.97
C LEU A 34 -0.08 -11.31 6.50
N ALA A 35 0.74 -10.89 5.54
CA ALA A 35 1.78 -11.76 5.01
C ALA A 35 2.82 -12.08 6.09
N LEU A 36 3.17 -11.08 6.88
CA LEU A 36 4.15 -11.26 7.93
C LEU A 36 3.62 -12.23 8.99
N LEU A 37 2.38 -12.02 9.41
CA LEU A 37 1.77 -12.88 10.41
C LEU A 37 1.81 -14.33 9.96
N SER A 38 1.53 -14.56 8.68
CA SER A 38 1.54 -15.92 8.13
C SER A 38 2.96 -16.48 8.14
N HIS A 39 3.93 -15.64 7.80
CA HIS A 39 5.33 -16.07 7.76
C HIS A 39 5.79 -16.48 9.15
N ARG A 40 5.32 -15.78 10.17
CA ARG A 40 5.70 -16.08 11.55
C ARG A 40 5.15 -17.44 11.97
N ARG A 41 3.86 -17.65 11.71
CA ARG A 41 3.21 -18.91 12.07
C ARG A 41 3.90 -20.07 11.37
N ALA A 42 4.40 -19.82 10.16
CA ALA A 42 5.08 -20.86 9.40
C ALA A 42 6.44 -21.18 10.02
N LEU A 43 7.16 -20.14 10.41
CA LEU A 43 8.48 -20.33 11.02
C LEU A 43 8.38 -21.26 12.22
N LYS A 44 7.36 -21.05 13.04
CA LYS A 44 7.17 -21.88 14.23
C LYS A 44 6.80 -23.30 13.84
N GLN A 45 5.83 -23.42 12.93
CA GLN A 45 5.39 -24.73 12.47
C GLN A 45 6.55 -25.48 11.81
N LYS A 46 7.55 -24.73 11.35
CA LYS A 46 8.70 -25.34 10.69
C LYS A 46 9.69 -25.87 11.72
N ILE A 47 9.99 -25.04 12.73
CA ILE A 47 10.92 -25.45 13.78
C ILE A 47 10.21 -26.26 14.85
N TRP A 48 8.88 -26.22 14.83
CA TRP A 48 8.09 -26.96 15.80
C TRP A 48 6.91 -27.66 15.11
N PRO A 49 7.20 -28.68 14.35
CA PRO A 49 6.16 -29.46 13.62
C PRO A 49 5.01 -29.87 14.53
N MET A 1 -6.74 15.16 -23.51
CA MET A 1 -6.79 14.40 -22.23
C MET A 1 -6.82 12.90 -22.53
N SER A 2 -5.82 12.43 -23.27
CA SER A 2 -5.75 11.01 -23.63
C SER A 2 -4.65 10.32 -22.82
N GLU A 3 -4.99 9.15 -22.29
CA GLU A 3 -4.02 8.39 -21.49
C GLU A 3 -3.46 9.25 -20.37
N PRO A 4 -4.30 9.72 -19.51
CA PRO A 4 -3.88 10.58 -18.36
C PRO A 4 -3.20 9.77 -17.26
N VAL A 5 -3.60 8.51 -17.13
CA VAL A 5 -3.01 7.63 -16.12
C VAL A 5 -1.52 7.46 -16.35
N SER A 6 -1.10 7.57 -17.60
CA SER A 6 0.31 7.43 -17.95
C SER A 6 0.98 8.79 -18.05
N LEU A 7 0.20 9.80 -18.41
CA LEU A 7 0.73 11.15 -18.54
C LEU A 7 1.00 11.77 -17.16
N LEU A 8 0.05 11.59 -16.25
CA LEU A 8 0.21 12.13 -14.90
C LEU A 8 0.45 13.63 -14.94
N THR A 9 -0.61 14.40 -14.73
CA THR A 9 -0.50 15.85 -14.76
C THR A 9 -1.28 16.46 -13.60
N PRO A 10 -0.97 17.68 -13.25
CA PRO A 10 -1.66 18.41 -12.14
C PRO A 10 -3.09 18.78 -12.51
N SER A 11 -3.32 18.99 -13.80
CA SER A 11 -4.66 19.37 -14.28
C SER A 11 -5.60 18.17 -14.25
N ASP A 12 -5.09 17.02 -13.81
CA ASP A 12 -5.89 15.80 -13.74
C ASP A 12 -6.05 15.36 -12.29
N LEU A 13 -4.98 15.48 -11.52
CA LEU A 13 -5.02 15.09 -10.11
C LEU A 13 -6.26 15.64 -9.43
N ASP A 14 -7.28 14.79 -9.31
CA ASP A 14 -8.53 15.19 -8.68
C ASP A 14 -8.78 14.39 -7.41
N PRO A 15 -9.63 14.88 -6.55
CA PRO A 15 -9.98 14.20 -5.28
C PRO A 15 -10.16 12.69 -5.45
N LEU A 16 -10.74 12.30 -6.59
CA LEU A 16 -10.97 10.90 -6.87
C LEU A 16 -9.66 10.13 -6.92
N ILE A 17 -8.75 10.59 -7.79
CA ILE A 17 -7.46 9.94 -7.93
C ILE A 17 -6.72 9.92 -6.59
N LEU A 18 -7.00 10.91 -5.75
CA LEU A 18 -6.36 11.01 -4.44
C LEU A 18 -6.83 9.86 -3.54
N THR A 19 -8.14 9.71 -3.43
CA THR A 19 -8.70 8.65 -2.59
C THR A 19 -8.24 7.28 -3.08
N LEU A 20 -8.14 7.13 -4.40
CA LEU A 20 -7.72 5.87 -4.98
C LEU A 20 -6.30 5.52 -4.53
N SER A 21 -5.40 6.48 -4.64
CA SER A 21 -4.01 6.26 -4.24
C SER A 21 -3.93 5.98 -2.75
N LEU A 22 -4.69 6.73 -1.97
CA LEU A 22 -4.70 6.56 -0.52
C LEU A 22 -5.15 5.15 -0.15
N ILE A 23 -6.23 4.70 -0.77
CA ILE A 23 -6.76 3.37 -0.51
C ILE A 23 -5.73 2.30 -0.87
N LEU A 24 -5.09 2.48 -2.02
CA LEU A 24 -4.09 1.52 -2.47
C LEU A 24 -2.97 1.39 -1.45
N VAL A 25 -2.49 2.53 -0.95
CA VAL A 25 -1.42 2.53 0.04
C VAL A 25 -1.85 1.76 1.28
N VAL A 26 -3.06 2.05 1.77
CA VAL A 26 -3.57 1.38 2.96
C VAL A 26 -3.62 -0.12 2.75
N ILE A 27 -4.00 -0.54 1.54
CA ILE A 27 -4.08 -1.96 1.22
C ILE A 27 -2.70 -2.57 1.12
N LEU A 28 -1.75 -1.78 0.62
CA LEU A 28 -0.38 -2.25 0.47
C LEU A 28 0.20 -2.68 1.81
N VAL A 29 0.11 -1.79 2.80
CA VAL A 29 0.63 -2.07 4.12
C VAL A 29 -0.18 -3.20 4.77
N LEU A 30 -1.48 -3.24 4.47
CA LEU A 30 -2.35 -4.26 5.03
C LEU A 30 -1.94 -5.64 4.54
N LEU A 31 -1.69 -5.76 3.24
CA LEU A 31 -1.30 -7.03 2.66
C LEU A 31 0.01 -7.51 3.27
N THR A 32 0.99 -6.62 3.34
CA THR A 32 2.29 -6.97 3.91
C THR A 32 2.13 -7.51 5.33
N VAL A 33 1.36 -6.79 6.15
CA VAL A 33 1.14 -7.20 7.52
C VAL A 33 0.59 -8.62 7.57
N LEU A 34 -0.29 -8.95 6.62
CA LEU A 34 -0.87 -10.28 6.56
C LEU A 34 0.17 -11.31 6.17
N ALA A 35 1.04 -10.94 5.23
CA ALA A 35 2.09 -11.84 4.77
C ALA A 35 3.07 -12.15 5.91
N LEU A 36 3.34 -11.13 6.72
CA LEU A 36 4.27 -11.30 7.84
C LEU A 36 3.71 -12.31 8.85
N LEU A 37 2.43 -12.16 9.18
CA LEU A 37 1.79 -13.06 10.13
C LEU A 37 1.80 -14.49 9.61
N SER A 38 1.45 -14.66 8.34
CA SER A 38 1.44 -15.98 7.73
C SER A 38 2.81 -16.63 7.83
N HIS A 39 3.84 -15.89 7.45
CA HIS A 39 5.20 -16.41 7.50
C HIS A 39 5.57 -16.80 8.92
N ARG A 40 5.36 -15.89 9.87
CA ARG A 40 5.68 -16.15 11.26
C ARG A 40 5.02 -17.45 11.72
N ARG A 41 3.81 -17.69 11.25
CA ARG A 41 3.07 -18.89 11.62
C ARG A 41 3.80 -20.13 11.12
N ALA A 42 4.12 -20.15 9.83
CA ALA A 42 4.81 -21.28 9.24
C ALA A 42 6.17 -21.47 9.89
N LEU A 43 6.79 -20.37 10.29
CA LEU A 43 8.10 -20.43 10.93
C LEU A 43 8.02 -21.20 12.24
N LYS A 44 6.99 -20.94 13.02
CA LYS A 44 6.81 -21.61 14.30
C LYS A 44 6.54 -23.09 14.09
N GLN A 45 5.77 -23.41 13.06
CA GLN A 45 5.44 -24.80 12.75
C GLN A 45 6.69 -25.57 12.35
N LYS A 46 7.60 -24.88 11.65
CA LYS A 46 8.83 -25.52 11.22
C LYS A 46 9.73 -25.83 12.40
N ILE A 47 9.75 -24.92 13.37
CA ILE A 47 10.57 -25.10 14.57
C ILE A 47 9.84 -25.96 15.59
N TRP A 48 8.54 -26.12 15.40
CA TRP A 48 7.74 -26.93 16.31
C TRP A 48 6.57 -27.58 15.59
N PRO A 49 6.87 -28.51 14.71
CA PRO A 49 5.83 -29.23 13.91
C PRO A 49 5.13 -30.32 14.73
N MET A 1 1.18 37.14 -14.19
CA MET A 1 0.93 36.27 -13.00
C MET A 1 0.76 37.15 -11.76
N SER A 2 -0.33 37.90 -11.73
CA SER A 2 -0.59 38.79 -10.59
C SER A 2 -2.07 39.15 -10.53
N GLU A 3 -2.79 38.86 -11.62
CA GLU A 3 -4.22 39.15 -11.67
C GLU A 3 -4.98 37.99 -12.28
N PRO A 4 -4.98 36.86 -11.62
CA PRO A 4 -5.68 35.64 -12.11
C PRO A 4 -7.19 35.71 -11.86
N VAL A 5 -7.97 35.59 -12.94
CA VAL A 5 -9.42 35.63 -12.83
C VAL A 5 -9.99 34.23 -12.60
N SER A 6 -9.67 33.32 -13.51
CA SER A 6 -10.16 31.95 -13.40
C SER A 6 -9.80 31.36 -12.03
N LEU A 7 -8.53 30.98 -11.87
CA LEU A 7 -8.06 30.42 -10.62
C LEU A 7 -9.02 29.34 -10.13
N LEU A 8 -9.83 28.81 -11.05
CA LEU A 8 -10.79 27.77 -10.70
C LEU A 8 -10.76 26.65 -11.74
N THR A 9 -10.43 25.44 -11.28
CA THR A 9 -10.36 24.30 -12.18
C THR A 9 -10.94 23.06 -11.50
N PRO A 10 -12.24 23.01 -11.38
CA PRO A 10 -12.95 21.86 -10.73
C PRO A 10 -12.94 20.61 -11.62
N SER A 11 -13.14 20.82 -12.92
CA SER A 11 -13.15 19.70 -13.86
C SER A 11 -11.92 18.83 -13.67
N ASP A 12 -10.84 19.43 -13.19
CA ASP A 12 -9.60 18.71 -12.98
C ASP A 12 -9.46 18.30 -11.52
N LEU A 13 -9.75 19.22 -10.62
CA LEU A 13 -9.66 18.94 -9.19
C LEU A 13 -10.67 17.88 -8.78
N ASP A 14 -10.27 16.61 -8.85
CA ASP A 14 -11.15 15.51 -8.48
C ASP A 14 -10.57 14.72 -7.31
N PRO A 15 -10.98 15.06 -6.11
CA PRO A 15 -10.50 14.38 -4.88
C PRO A 15 -10.62 12.86 -4.98
N LEU A 16 -11.41 12.39 -5.96
CA LEU A 16 -11.60 10.95 -6.15
C LEU A 16 -10.26 10.26 -6.36
N ILE A 17 -9.35 10.93 -7.06
CA ILE A 17 -8.03 10.36 -7.32
C ILE A 17 -7.20 10.29 -6.04
N LEU A 18 -7.35 11.31 -5.21
CA LEU A 18 -6.62 11.36 -3.95
C LEU A 18 -7.01 10.19 -3.05
N THR A 19 -8.30 9.90 -3.00
CA THR A 19 -8.79 8.80 -2.19
C THR A 19 -8.30 7.45 -2.72
N LEU A 20 -8.32 7.31 -4.05
CA LEU A 20 -7.87 6.07 -4.68
C LEU A 20 -6.42 5.78 -4.28
N SER A 21 -5.56 6.78 -4.39
CA SER A 21 -4.16 6.60 -4.04
C SER A 21 -4.01 6.18 -2.58
N LEU A 22 -4.79 6.82 -1.71
CA LEU A 22 -4.73 6.49 -0.29
C LEU A 22 -5.14 5.05 -0.04
N ILE A 23 -6.23 4.63 -0.69
CA ILE A 23 -6.71 3.26 -0.53
C ILE A 23 -5.67 2.26 -1.05
N LEU A 24 -5.10 2.56 -2.21
CA LEU A 24 -4.09 1.69 -2.79
C LEU A 24 -2.93 1.49 -1.82
N VAL A 25 -2.45 2.58 -1.24
CA VAL A 25 -1.34 2.50 -0.29
C VAL A 25 -1.74 1.66 0.92
N VAL A 26 -2.99 1.80 1.34
CA VAL A 26 -3.48 1.05 2.49
C VAL A 26 -3.48 -0.45 2.20
N ILE A 27 -3.85 -0.80 0.96
CA ILE A 27 -3.88 -2.20 0.56
C ILE A 27 -2.48 -2.80 0.60
N LEU A 28 -1.52 -2.10 0.01
CA LEU A 28 -0.14 -2.58 -0.03
C LEU A 28 0.36 -2.82 1.39
N VAL A 29 0.05 -1.91 2.30
CA VAL A 29 0.48 -2.05 3.68
C VAL A 29 -0.15 -3.29 4.33
N LEU A 30 -1.44 -3.46 4.10
CA LEU A 30 -2.16 -4.60 4.66
C LEU A 30 -1.63 -5.91 4.06
N LEU A 31 -1.30 -5.87 2.77
CA LEU A 31 -0.80 -7.05 2.09
C LEU A 31 0.48 -7.54 2.74
N THR A 32 1.37 -6.61 3.06
CA THR A 32 2.65 -6.96 3.70
C THR A 32 2.40 -7.49 5.11
N VAL A 33 1.43 -6.91 5.80
CA VAL A 33 1.10 -7.35 7.15
C VAL A 33 0.66 -8.81 7.16
N LEU A 34 -0.22 -9.16 6.22
CA LEU A 34 -0.70 -10.53 6.13
C LEU A 34 0.43 -11.47 5.75
N ALA A 35 1.37 -10.97 4.96
CA ALA A 35 2.51 -11.79 4.52
C ALA A 35 3.41 -12.12 5.70
N LEU A 36 3.66 -11.14 6.56
CA LEU A 36 4.51 -11.35 7.72
C LEU A 36 3.85 -12.31 8.70
N LEU A 37 2.53 -12.22 8.82
CA LEU A 37 1.79 -13.09 9.73
C LEU A 37 1.96 -14.55 9.34
N SER A 38 1.87 -14.82 8.04
CA SER A 38 2.01 -16.18 7.55
C SER A 38 3.45 -16.67 7.72
N HIS A 39 4.40 -15.81 7.40
CA HIS A 39 5.82 -16.15 7.52
C HIS A 39 6.12 -16.62 8.95
N ARG A 40 5.61 -15.87 9.93
CA ARG A 40 5.84 -16.23 11.33
C ARG A 40 5.16 -17.55 11.67
N ARG A 41 3.90 -17.68 11.24
CA ARG A 41 3.15 -18.89 11.52
C ARG A 41 3.90 -20.13 10.99
N ALA A 42 4.43 -20.01 9.79
CA ALA A 42 5.18 -21.11 9.18
C ALA A 42 6.39 -21.48 10.05
N LEU A 43 7.08 -20.45 10.53
CA LEU A 43 8.26 -20.68 11.37
C LEU A 43 7.87 -21.39 12.66
N LYS A 44 6.76 -20.95 13.25
CA LYS A 44 6.29 -21.55 14.49
C LYS A 44 6.05 -23.05 14.32
N GLN A 45 5.41 -23.40 13.20
CA GLN A 45 5.13 -24.81 12.91
C GLN A 45 6.42 -25.60 12.76
N LYS A 46 7.39 -25.01 12.06
CA LYS A 46 8.67 -25.68 11.86
C LYS A 46 9.41 -25.86 13.18
N ILE A 47 9.27 -24.88 14.06
CA ILE A 47 9.92 -24.95 15.37
C ILE A 47 9.10 -25.78 16.34
N TRP A 48 7.85 -26.04 15.98
CA TRP A 48 6.97 -26.84 16.82
C TRP A 48 5.73 -27.27 16.05
N PRO A 49 5.87 -28.24 15.20
CA PRO A 49 4.75 -28.77 14.37
C PRO A 49 3.51 -29.09 15.21
N MET A 1 -0.86 8.63 -32.85
CA MET A 1 -1.31 7.43 -32.09
C MET A 1 -1.95 7.87 -30.78
N SER A 2 -2.32 6.91 -29.95
CA SER A 2 -2.95 7.21 -28.67
C SER A 2 -1.94 7.07 -27.54
N GLU A 3 -1.62 8.20 -26.89
CA GLU A 3 -0.66 8.18 -25.80
C GLU A 3 -1.37 8.32 -24.45
N PRO A 4 -0.76 7.84 -23.39
CA PRO A 4 -1.36 7.91 -22.02
C PRO A 4 -1.44 9.35 -21.50
N VAL A 5 -0.32 10.05 -21.53
CA VAL A 5 -0.27 11.43 -21.06
C VAL A 5 -1.28 12.28 -21.83
N SER A 6 -1.49 11.96 -23.10
CA SER A 6 -2.43 12.70 -23.92
C SER A 6 -3.86 12.36 -23.52
N LEU A 7 -4.13 11.08 -23.33
CA LEU A 7 -5.46 10.65 -22.97
C LEU A 7 -5.95 11.37 -21.71
N LEU A 8 -5.05 11.50 -20.74
CA LEU A 8 -5.38 12.16 -19.49
C LEU A 8 -4.65 13.49 -19.38
N THR A 9 -5.40 14.58 -19.60
CA THR A 9 -4.81 15.91 -19.53
C THR A 9 -4.99 16.51 -18.13
N PRO A 10 -4.26 17.54 -17.82
CA PRO A 10 -4.35 18.23 -16.50
C PRO A 10 -5.80 18.41 -16.03
N SER A 11 -6.69 18.65 -16.99
CA SER A 11 -8.10 18.85 -16.67
C SER A 11 -8.75 17.52 -16.32
N ASP A 12 -8.31 16.46 -16.97
CA ASP A 12 -8.86 15.12 -16.73
C ASP A 12 -8.45 14.62 -15.34
N LEU A 13 -7.25 14.98 -14.92
CA LEU A 13 -6.75 14.55 -13.61
C LEU A 13 -7.65 15.07 -12.50
N ASP A 14 -8.55 14.22 -12.03
CA ASP A 14 -9.46 14.61 -10.96
C ASP A 14 -8.98 14.07 -9.61
N PRO A 15 -9.43 14.66 -8.53
CA PRO A 15 -9.05 14.22 -7.15
C PRO A 15 -9.48 12.79 -6.85
N LEU A 16 -10.42 12.29 -7.65
CA LEU A 16 -10.93 10.94 -7.46
C LEU A 16 -9.77 9.93 -7.48
N ILE A 17 -8.77 10.22 -8.31
CA ILE A 17 -7.62 9.33 -8.41
C ILE A 17 -6.78 9.38 -7.15
N LEU A 18 -6.67 10.58 -6.57
CA LEU A 18 -5.88 10.75 -5.36
C LEU A 18 -6.43 9.89 -4.24
N THR A 19 -7.74 9.89 -4.10
CA THR A 19 -8.38 9.10 -3.05
C THR A 19 -8.16 7.61 -3.29
N LEU A 20 -8.38 7.17 -4.52
CA LEU A 20 -8.19 5.77 -4.87
C LEU A 20 -6.79 5.30 -4.48
N SER A 21 -5.79 6.15 -4.74
CA SER A 21 -4.41 5.82 -4.41
C SER A 21 -4.23 5.72 -2.90
N LEU A 22 -4.87 6.63 -2.17
CA LEU A 22 -4.77 6.63 -0.72
C LEU A 22 -5.21 5.29 -0.15
N ILE A 23 -6.37 4.82 -0.58
CA ILE A 23 -6.88 3.54 -0.10
C ILE A 23 -5.94 2.41 -0.48
N LEU A 24 -5.40 2.48 -1.69
CA LEU A 24 -4.49 1.45 -2.15
C LEU A 24 -3.25 1.37 -1.26
N VAL A 25 -2.68 2.53 -0.95
CA VAL A 25 -1.51 2.58 -0.10
C VAL A 25 -1.77 1.90 1.23
N VAL A 26 -2.97 2.10 1.77
CA VAL A 26 -3.34 1.51 3.04
C VAL A 26 -3.44 -0.01 2.91
N ILE A 27 -4.10 -0.46 1.84
CA ILE A 27 -4.25 -1.90 1.61
C ILE A 27 -2.89 -2.56 1.47
N LEU A 28 -1.96 -1.85 0.84
CA LEU A 28 -0.61 -2.39 0.65
C LEU A 28 0.05 -2.69 1.99
N VAL A 29 0.06 -1.69 2.87
CA VAL A 29 0.67 -1.86 4.18
C VAL A 29 -0.01 -3.00 4.93
N LEU A 30 -1.33 -3.03 4.89
CA LEU A 30 -2.09 -4.06 5.57
C LEU A 30 -1.73 -5.44 5.03
N LEU A 31 -1.57 -5.52 3.72
CA LEU A 31 -1.23 -6.78 3.08
C LEU A 31 0.09 -7.32 3.65
N THR A 32 1.06 -6.43 3.81
CA THR A 32 2.36 -6.82 4.34
C THR A 32 2.22 -7.37 5.76
N VAL A 33 1.45 -6.67 6.58
CA VAL A 33 1.24 -7.09 7.96
C VAL A 33 0.70 -8.51 8.00
N LEU A 34 -0.30 -8.77 7.16
CA LEU A 34 -0.91 -10.10 7.11
C LEU A 34 0.09 -11.12 6.63
N ALA A 35 0.95 -10.72 5.71
CA ALA A 35 1.95 -11.64 5.18
C ALA A 35 2.97 -11.98 6.26
N LEU A 36 3.39 -10.98 7.01
CA LEU A 36 4.36 -11.19 8.08
C LEU A 36 3.82 -12.15 9.12
N LEU A 37 2.52 -12.04 9.39
CA LEU A 37 1.87 -12.90 10.37
C LEU A 37 1.88 -14.36 9.89
N SER A 38 1.51 -14.55 8.63
CA SER A 38 1.49 -15.90 8.06
C SER A 38 2.88 -16.50 8.05
N HIS A 39 3.87 -15.67 7.74
CA HIS A 39 5.26 -16.13 7.71
C HIS A 39 5.71 -16.60 9.09
N ARG A 40 5.44 -15.79 10.10
CA ARG A 40 5.83 -16.14 11.46
C ARG A 40 5.27 -17.49 11.85
N ARG A 41 3.99 -17.71 11.54
CA ARG A 41 3.34 -18.97 11.87
C ARG A 41 4.07 -20.13 11.20
N ALA A 42 4.45 -19.93 9.94
CA ALA A 42 5.16 -20.97 9.19
C ALA A 42 6.47 -21.32 9.87
N LEU A 43 7.20 -20.29 10.31
CA LEU A 43 8.47 -20.51 10.98
C LEU A 43 8.32 -21.44 12.16
N LYS A 44 7.31 -21.17 12.98
CA LYS A 44 7.06 -22.00 14.16
C LYS A 44 6.59 -23.39 13.73
N GLN A 45 5.71 -23.43 12.74
CA GLN A 45 5.18 -24.70 12.24
C GLN A 45 6.28 -25.53 11.61
N LYS A 46 7.36 -24.87 11.22
CA LYS A 46 8.49 -25.56 10.60
C LYS A 46 9.41 -26.17 11.66
N ILE A 47 9.61 -25.44 12.75
CA ILE A 47 10.46 -25.92 13.83
C ILE A 47 9.64 -26.68 14.86
N TRP A 48 8.32 -26.61 14.73
CA TRP A 48 7.43 -27.30 15.66
C TRP A 48 6.16 -27.76 14.95
N PRO A 49 6.30 -28.67 14.02
CA PRO A 49 5.15 -29.20 13.25
C PRO A 49 4.31 -30.18 14.07
N MET A 1 -4.87 21.74 7.42
CA MET A 1 -3.53 22.36 7.59
C MET A 1 -2.53 21.31 8.06
N SER A 2 -1.27 21.51 7.71
CA SER A 2 -0.22 20.56 8.09
C SER A 2 1.15 21.07 7.65
N GLU A 3 1.66 20.49 6.57
CA GLU A 3 2.96 20.89 6.04
C GLU A 3 3.08 20.49 4.57
N PRO A 4 2.24 21.02 3.73
CA PRO A 4 2.24 20.72 2.27
C PRO A 4 3.39 21.41 1.55
N VAL A 5 4.55 20.75 1.54
CA VAL A 5 5.72 21.31 0.87
C VAL A 5 5.48 21.44 -0.64
N SER A 6 6.46 22.00 -1.34
CA SER A 6 6.34 22.18 -2.78
C SER A 6 6.33 20.83 -3.50
N LEU A 7 6.96 19.84 -2.88
CA LEU A 7 7.01 18.50 -3.47
C LEU A 7 5.61 18.05 -3.87
N LEU A 8 4.60 18.55 -3.16
CA LEU A 8 3.22 18.17 -3.45
C LEU A 8 2.56 19.23 -4.32
N THR A 9 1.32 18.95 -4.75
CA THR A 9 0.60 19.89 -5.59
C THR A 9 -0.91 19.74 -5.37
N PRO A 10 -1.42 20.30 -4.30
CA PRO A 10 -2.86 20.23 -3.95
C PRO A 10 -3.75 20.73 -5.10
N SER A 11 -3.17 21.55 -5.97
CA SER A 11 -3.90 22.10 -7.10
C SER A 11 -4.29 20.99 -8.07
N ASP A 12 -3.53 19.90 -8.05
CA ASP A 12 -3.80 18.77 -8.94
C ASP A 12 -4.40 17.61 -8.17
N LEU A 13 -3.81 17.30 -7.01
CA LEU A 13 -4.30 16.21 -6.19
C LEU A 13 -5.71 16.50 -5.68
N ASP A 14 -6.70 16.00 -6.39
CA ASP A 14 -8.09 16.23 -6.01
C ASP A 14 -8.56 15.16 -5.04
N PRO A 15 -9.67 15.40 -4.35
CA PRO A 15 -10.24 14.44 -3.37
C PRO A 15 -10.31 13.01 -3.94
N LEU A 16 -10.74 12.89 -5.19
CA LEU A 16 -10.86 11.60 -5.83
C LEU A 16 -9.51 10.88 -5.85
N ILE A 17 -8.52 11.51 -6.49
CA ILE A 17 -7.19 10.92 -6.56
C ILE A 17 -6.64 10.66 -5.17
N LEU A 18 -6.88 11.58 -4.25
CA LEU A 18 -6.41 11.43 -2.88
C LEU A 18 -6.99 10.17 -2.25
N THR A 19 -8.30 9.99 -2.40
CA THR A 19 -8.96 8.83 -1.83
C THR A 19 -8.48 7.55 -2.49
N LEU A 20 -8.31 7.59 -3.80
CA LEU A 20 -7.85 6.42 -4.55
C LEU A 20 -6.44 6.04 -4.11
N SER A 21 -5.60 7.05 -3.87
CA SER A 21 -4.22 6.81 -3.44
C SER A 21 -4.20 6.11 -2.10
N LEU A 22 -5.03 6.57 -1.17
CA LEU A 22 -5.09 5.98 0.16
C LEU A 22 -5.46 4.51 0.07
N ILE A 23 -6.44 4.19 -0.77
CA ILE A 23 -6.88 2.81 -0.94
C ILE A 23 -5.74 1.96 -1.51
N LEU A 24 -5.05 2.50 -2.51
CA LEU A 24 -3.95 1.77 -3.14
C LEU A 24 -2.85 1.49 -2.13
N VAL A 25 -2.55 2.47 -1.28
CA VAL A 25 -1.52 2.32 -0.27
C VAL A 25 -1.98 1.34 0.81
N VAL A 26 -3.27 1.39 1.14
CA VAL A 26 -3.81 0.51 2.17
C VAL A 26 -3.74 -0.94 1.71
N ILE A 27 -3.99 -1.16 0.42
CA ILE A 27 -3.95 -2.51 -0.13
C ILE A 27 -2.53 -3.08 -0.06
N LEU A 28 -1.56 -2.28 -0.51
CA LEU A 28 -0.17 -2.72 -0.50
C LEU A 28 0.26 -3.07 0.91
N VAL A 29 0.01 -2.17 1.85
CA VAL A 29 0.38 -2.40 3.25
C VAL A 29 -0.35 -3.63 3.80
N LEU A 30 -1.64 -3.73 3.50
CA LEU A 30 -2.44 -4.85 3.98
C LEU A 30 -1.84 -6.17 3.51
N LEU A 31 -1.38 -6.20 2.26
CA LEU A 31 -0.78 -7.40 1.71
C LEU A 31 0.48 -7.79 2.48
N THR A 32 1.34 -6.81 2.71
CA THR A 32 2.58 -7.06 3.44
C THR A 32 2.28 -7.67 4.81
N VAL A 33 1.24 -7.16 5.45
CA VAL A 33 0.86 -7.67 6.76
C VAL A 33 0.54 -9.16 6.70
N LEU A 34 -0.31 -9.54 5.75
CA LEU A 34 -0.70 -10.93 5.59
C LEU A 34 0.53 -11.79 5.26
N ALA A 35 1.49 -11.18 4.58
CA ALA A 35 2.71 -11.90 4.20
C ALA A 35 3.51 -12.30 5.44
N LEU A 36 3.78 -11.32 6.31
CA LEU A 36 4.53 -11.57 7.53
C LEU A 36 3.76 -12.50 8.45
N LEU A 37 2.45 -12.30 8.52
CA LEU A 37 1.60 -13.13 9.37
C LEU A 37 1.81 -14.60 9.05
N SER A 38 1.82 -14.93 7.76
CA SER A 38 2.01 -16.31 7.33
C SER A 38 3.42 -16.79 7.64
N HIS A 39 4.40 -15.95 7.32
CA HIS A 39 5.79 -16.29 7.57
C HIS A 39 6.00 -16.66 9.03
N ARG A 40 5.38 -15.90 9.93
CA ARG A 40 5.50 -16.15 11.35
C ARG A 40 4.84 -17.48 11.72
N ARG A 41 3.64 -17.70 11.18
CA ARG A 41 2.91 -18.93 11.46
C ARG A 41 3.73 -20.15 11.09
N ALA A 42 4.43 -20.06 9.95
CA ALA A 42 5.28 -21.17 9.50
C ALA A 42 6.49 -21.33 10.40
N LEU A 43 7.09 -20.20 10.77
CA LEU A 43 8.27 -20.23 11.63
C LEU A 43 7.95 -20.90 12.96
N LYS A 44 6.76 -20.63 13.49
CA LYS A 44 6.33 -21.20 14.75
C LYS A 44 6.09 -22.70 14.61
N GLN A 45 5.20 -23.06 13.69
CA GLN A 45 4.88 -24.46 13.46
C GLN A 45 6.09 -25.22 12.94
N LYS A 46 7.15 -24.49 12.63
CA LYS A 46 8.37 -25.10 12.11
C LYS A 46 9.33 -25.43 13.25
N ILE A 47 9.52 -24.47 14.15
CA ILE A 47 10.41 -24.67 15.29
C ILE A 47 9.71 -25.44 16.39
N TRP A 48 8.38 -25.35 16.43
CA TRP A 48 7.60 -26.04 17.45
C TRP A 48 6.35 -26.66 16.84
N PRO A 49 6.53 -27.63 15.98
CA PRO A 49 5.39 -28.33 15.31
C PRO A 49 4.29 -28.71 16.30
N MET A 1 4.12 13.29 -21.49
CA MET A 1 2.68 13.64 -21.70
C MET A 1 1.90 13.33 -20.43
N SER A 2 1.05 14.28 -20.02
CA SER A 2 0.25 14.08 -18.82
C SER A 2 1.09 13.46 -17.71
N GLU A 3 1.67 14.31 -16.87
CA GLU A 3 2.50 13.83 -15.76
C GLU A 3 2.17 14.60 -14.48
N PRO A 4 0.95 14.49 -14.02
CA PRO A 4 0.51 15.19 -12.78
C PRO A 4 1.05 14.52 -11.52
N VAL A 5 1.13 13.20 -11.54
CA VAL A 5 1.64 12.45 -10.40
C VAL A 5 3.08 12.84 -10.10
N SER A 6 3.70 13.59 -11.02
CA SER A 6 5.08 14.03 -10.84
C SER A 6 5.15 15.54 -10.73
N LEU A 7 4.32 16.23 -11.49
CA LEU A 7 4.30 17.69 -11.47
C LEU A 7 3.17 18.20 -10.59
N LEU A 8 3.30 19.43 -10.11
CA LEU A 8 2.28 20.02 -9.26
C LEU A 8 1.09 20.50 -10.10
N THR A 9 0.00 19.73 -10.05
CA THR A 9 -1.19 20.08 -10.81
C THR A 9 -2.44 19.86 -9.96
N PRO A 10 -2.69 20.75 -9.04
CA PRO A 10 -3.87 20.67 -8.13
C PRO A 10 -5.17 20.45 -8.90
N SER A 11 -5.17 20.85 -10.17
CA SER A 11 -6.35 20.71 -11.02
C SER A 11 -6.62 19.23 -11.32
N ASP A 12 -5.61 18.40 -11.08
CA ASP A 12 -5.75 16.96 -11.32
C ASP A 12 -5.82 16.20 -10.00
N LEU A 13 -5.05 16.65 -9.01
CA LEU A 13 -5.04 16.01 -7.71
C LEU A 13 -6.21 16.49 -6.87
N ASP A 14 -7.37 15.87 -7.06
CA ASP A 14 -8.56 16.25 -6.30
C ASP A 14 -8.88 15.21 -5.23
N PRO A 15 -9.72 15.56 -4.29
CA PRO A 15 -10.12 14.64 -3.19
C PRO A 15 -10.38 13.22 -3.70
N LEU A 16 -11.05 13.11 -4.84
CA LEU A 16 -11.36 11.81 -5.41
C LEU A 16 -10.07 11.04 -5.71
N ILE A 17 -9.14 11.70 -6.39
CA ILE A 17 -7.88 11.06 -6.73
C ILE A 17 -7.14 10.61 -5.48
N LEU A 18 -7.17 11.47 -4.45
CA LEU A 18 -6.50 11.16 -3.20
C LEU A 18 -7.06 9.88 -2.59
N THR A 19 -8.38 9.79 -2.53
CA THR A 19 -9.03 8.61 -1.97
C THR A 19 -8.58 7.36 -2.69
N LEU A 20 -8.50 7.44 -4.02
CA LEU A 20 -8.08 6.29 -4.82
C LEU A 20 -6.66 5.87 -4.45
N SER A 21 -5.79 6.85 -4.28
CA SER A 21 -4.40 6.57 -3.93
C SER A 21 -4.32 6.01 -2.51
N LEU A 22 -5.15 6.54 -1.62
CA LEU A 22 -5.15 6.08 -0.24
C LEU A 22 -5.50 4.60 -0.16
N ILE A 23 -6.54 4.21 -0.90
CA ILE A 23 -6.97 2.81 -0.91
C ILE A 23 -5.84 1.91 -1.40
N LEU A 24 -5.17 2.34 -2.46
CA LEU A 24 -4.08 1.57 -3.02
C LEU A 24 -2.97 1.39 -2.00
N VAL A 25 -2.64 2.46 -1.31
CA VAL A 25 -1.59 2.42 -0.30
C VAL A 25 -1.97 1.47 0.83
N VAL A 26 -3.22 1.56 1.27
CA VAL A 26 -3.71 0.71 2.35
C VAL A 26 -3.52 -0.77 2.00
N ILE A 27 -3.98 -1.15 0.81
CA ILE A 27 -3.86 -2.52 0.36
C ILE A 27 -2.40 -2.97 0.41
N LEU A 28 -1.51 -2.09 -0.05
CA LEU A 28 -0.08 -2.40 -0.07
C LEU A 28 0.40 -2.78 1.33
N VAL A 29 0.05 -1.96 2.32
CA VAL A 29 0.46 -2.22 3.69
C VAL A 29 -0.21 -3.50 4.21
N LEU A 30 -1.49 -3.65 3.91
CA LEU A 30 -2.24 -4.82 4.34
C LEU A 30 -1.62 -6.09 3.77
N LEU A 31 -1.28 -6.05 2.49
CA LEU A 31 -0.69 -7.21 1.84
C LEU A 31 0.63 -7.61 2.52
N THR A 32 1.45 -6.61 2.82
CA THR A 32 2.73 -6.87 3.47
C THR A 32 2.52 -7.60 4.79
N VAL A 33 1.57 -7.11 5.59
CA VAL A 33 1.29 -7.73 6.87
C VAL A 33 0.97 -9.21 6.70
N LEU A 34 0.08 -9.51 5.76
CA LEU A 34 -0.30 -10.90 5.50
C LEU A 34 0.93 -11.73 5.17
N ALA A 35 1.86 -11.14 4.42
CA ALA A 35 3.08 -11.86 4.04
C ALA A 35 3.92 -12.17 5.28
N LEU A 36 4.20 -11.14 6.07
CA LEU A 36 4.99 -11.31 7.29
C LEU A 36 4.32 -12.30 8.22
N LEU A 37 3.00 -12.25 8.28
CA LEU A 37 2.25 -13.15 9.15
C LEU A 37 2.43 -14.60 8.71
N SER A 38 2.30 -14.84 7.42
CA SER A 38 2.46 -16.19 6.88
C SER A 38 3.82 -16.75 7.23
N HIS A 39 4.85 -15.90 7.16
CA HIS A 39 6.21 -16.32 7.48
C HIS A 39 6.33 -16.68 8.96
N ARG A 40 5.75 -15.85 9.81
CA ARG A 40 5.80 -16.09 11.25
C ARG A 40 5.00 -17.35 11.61
N ARG A 41 3.84 -17.50 10.99
CA ARG A 41 3.00 -18.67 11.26
C ARG A 41 3.78 -19.96 11.04
N ALA A 42 4.50 -20.02 9.92
CA ALA A 42 5.29 -21.20 9.60
C ALA A 42 6.42 -21.38 10.61
N LEU A 43 7.18 -20.32 10.83
CA LEU A 43 8.29 -20.38 11.77
C LEU A 43 7.85 -21.02 13.09
N LYS A 44 6.66 -20.66 13.54
CA LYS A 44 6.13 -21.20 14.78
C LYS A 44 5.81 -22.68 14.63
N GLN A 45 5.03 -23.02 13.61
CA GLN A 45 4.67 -24.41 13.37
C GLN A 45 5.90 -25.23 13.00
N LYS A 46 6.98 -24.55 12.67
CA LYS A 46 8.22 -25.24 12.32
C LYS A 46 8.94 -25.72 13.56
N ILE A 47 9.05 -24.85 14.56
CA ILE A 47 9.72 -25.21 15.80
C ILE A 47 8.79 -26.00 16.71
N TRP A 48 7.49 -25.89 16.46
CA TRP A 48 6.50 -26.60 17.26
C TRP A 48 5.24 -26.88 16.44
N PRO A 49 5.31 -27.85 15.57
CA PRO A 49 4.16 -28.23 14.70
C PRO A 49 2.93 -28.60 15.50
#